data_3OLR
#
_entry.id   3OLR
#
_cell.length_a   45.897
_cell.length_b   62.766
_cell.length_c   117.461
_cell.angle_alpha   99.06
_cell.angle_beta   96.53
_cell.angle_gamma   105.06
#
_symmetry.space_group_name_H-M   'P 1'
#
loop_
_entity.id
_entity.type
_entity.pdbx_description
1 polymer 'Tyrosine-protein phosphatase non-receptor type 22'
2 polymer SKAP2
3 water water
#
loop_
_entity_poly.entity_id
_entity_poly.type
_entity_poly.pdbx_seq_one_letter_code
_entity_poly.pdbx_strand_id
1 'polypeptide(L)'
;HHHHHHSSGLVPRGSHMASMDQREILQKFLDEAQSKKITKEEFANEFLKLKRQSTKYKADKTYPTTVAEKPKNIKKNRYK
DILPYDYSRVELSLITSDEDSSYINANFIKGVYGPKAYIATQGPLSTTLLDFWRMIWEYSVLIIVMACMEYEMGKKKCER
YWAEPGEMQLEFGPFSVSCEAEKRKSDYIIRTLKVKFNSETRTIYQFHYKNWPDHDVPSSIDPILELIWDVRCYQEDDSV
PICIHSSAGCGRTGVICAIDYTWMLLKDGIIPENFSVFSLIREMRTQRPSLVQTQEQYELVYNAVLELFKRQM
;
A,B,C,D
2 'polypeptide(L)' YGEE(PTR)DDLY E,F,G,H
#
# COMPACT_ATOMS: atom_id res chain seq x y z
N MET A 17 14.56 -8.43 -37.46
CA MET A 17 15.98 -8.75 -37.73
C MET A 17 16.92 -8.05 -36.74
N ALA A 18 16.48 -6.92 -36.22
CA ALA A 18 17.26 -6.15 -35.25
C ALA A 18 16.59 -6.27 -33.88
N SER A 19 17.11 -7.18 -33.05
CA SER A 19 16.56 -7.41 -31.72
C SER A 19 16.92 -6.33 -30.71
N MET A 20 16.01 -6.06 -29.78
CA MET A 20 16.23 -5.07 -28.74
C MET A 20 16.40 -5.80 -27.40
N ASP A 21 17.13 -5.20 -26.46
CA ASP A 21 17.39 -5.84 -25.17
C ASP A 21 16.19 -5.84 -24.23
N GLN A 22 16.20 -6.75 -23.26
CA GLN A 22 15.11 -6.89 -22.28
C GLN A 22 14.69 -5.57 -21.67
N ARG A 23 15.59 -4.94 -20.90
CA ARG A 23 15.31 -3.67 -20.26
C ARG A 23 14.53 -2.76 -21.20
N GLU A 24 15.14 -2.48 -22.34
CA GLU A 24 14.53 -1.62 -23.36
C GLU A 24 13.09 -2.03 -23.67
N ILE A 25 12.83 -3.34 -23.64
CA ILE A 25 11.50 -3.86 -23.92
C ILE A 25 10.59 -3.54 -22.74
N LEU A 26 11.17 -3.50 -21.56
CA LEU A 26 10.42 -3.17 -20.36
C LEU A 26 10.10 -1.68 -20.40
N GLN A 27 11.06 -0.90 -20.89
CA GLN A 27 10.85 0.55 -21.02
C GLN A 27 9.75 0.82 -22.03
N LYS A 28 9.73 0.04 -23.11
CA LYS A 28 8.68 0.22 -24.11
C LYS A 28 7.37 -0.04 -23.40
N PHE A 29 7.35 -1.09 -22.57
CA PHE A 29 6.15 -1.46 -21.83
C PHE A 29 5.79 -0.38 -20.82
N LEU A 30 6.80 0.07 -20.07
CA LEU A 30 6.59 1.09 -19.05
C LEU A 30 6.11 2.40 -19.67
N ASP A 31 6.76 2.81 -20.77
CA ASP A 31 6.40 4.04 -21.47
C ASP A 31 4.90 4.01 -21.77
N GLU A 32 4.46 2.93 -22.42
CA GLU A 32 3.05 2.78 -22.75
C GLU A 32 2.20 2.81 -21.49
N ALA A 33 2.49 1.89 -20.56
CA ALA A 33 1.76 1.79 -19.29
C ALA A 33 1.14 3.12 -18.83
N GLN A 34 1.91 4.19 -19.01
CA GLN A 34 1.46 5.52 -18.62
C GLN A 34 0.19 5.92 -19.34
N SER A 35 0.26 6.02 -20.66
CA SER A 35 -0.92 6.41 -21.44
C SER A 35 -2.08 5.43 -21.32
N LYS A 36 -1.77 4.13 -21.27
CA LYS A 36 -2.83 3.12 -21.16
C LYS A 36 -3.61 3.27 -19.86
N LYS A 37 -2.90 3.54 -18.78
CA LYS A 37 -3.52 3.72 -17.47
C LYS A 37 -4.47 4.91 -17.57
N ILE A 38 -4.45 5.57 -18.72
CA ILE A 38 -5.31 6.72 -18.95
C ILE A 38 -6.38 6.39 -20.00
N THR A 39 -5.94 5.89 -21.14
CA THR A 39 -6.85 5.53 -22.24
C THR A 39 -8.20 5.02 -21.75
N LYS A 40 -9.23 5.84 -21.94
CA LYS A 40 -10.59 5.52 -21.50
C LYS A 40 -11.06 4.11 -21.83
N GLU A 41 -11.62 3.46 -20.82
CA GLU A 41 -12.14 2.10 -20.94
C GLU A 41 -11.17 1.19 -21.70
N GLU A 42 -9.89 1.50 -21.62
CA GLU A 42 -8.86 0.71 -22.29
C GLU A 42 -8.94 -0.74 -21.81
N PHE A 43 -8.94 -0.93 -20.50
CA PHE A 43 -9.02 -2.27 -19.93
C PHE A 43 -10.36 -2.90 -20.21
N ALA A 44 -11.43 -2.12 -20.11
CA ALA A 44 -12.76 -2.64 -20.38
C ALA A 44 -12.79 -3.23 -21.79
N ASN A 45 -12.44 -2.40 -22.77
CA ASN A 45 -12.44 -2.80 -24.17
C ASN A 45 -11.48 -3.95 -24.43
N GLU A 46 -10.37 -3.96 -23.70
CA GLU A 46 -9.38 -5.00 -23.83
C GLU A 46 -10.01 -6.34 -23.45
N PHE A 47 -10.48 -6.42 -22.21
CA PHE A 47 -11.11 -7.62 -21.65
C PHE A 47 -12.34 -8.07 -22.45
N LEU A 48 -13.07 -7.11 -23.00
CA LEU A 48 -14.26 -7.42 -23.80
C LEU A 48 -13.90 -8.26 -25.00
N LYS A 49 -12.64 -8.16 -25.45
CA LYS A 49 -12.19 -8.93 -26.61
C LYS A 49 -11.93 -10.38 -26.21
N LEU A 50 -11.60 -10.60 -24.96
CA LEU A 50 -11.32 -11.95 -24.49
C LEU A 50 -12.62 -12.74 -24.51
N LYS A 51 -13.69 -12.13 -24.02
CA LYS A 51 -15.00 -12.77 -23.99
C LYS A 51 -15.43 -13.12 -25.40
N ARG A 52 -15.12 -12.22 -26.33
CA ARG A 52 -15.45 -12.40 -27.73
C ARG A 52 -14.84 -13.66 -28.30
N GLN A 53 -13.53 -13.80 -28.12
CA GLN A 53 -12.81 -14.97 -28.61
C GLN A 53 -13.43 -16.25 -28.10
N SER A 54 -13.85 -16.25 -26.84
CA SER A 54 -14.47 -17.42 -26.22
C SER A 54 -15.81 -17.72 -26.88
N THR A 55 -16.61 -16.67 -27.05
CA THR A 55 -17.92 -16.80 -27.67
C THR A 55 -17.79 -17.38 -29.08
N LYS A 56 -16.70 -17.04 -29.78
CA LYS A 56 -16.54 -17.58 -31.12
C LYS A 56 -16.08 -19.04 -31.05
N TYR A 57 -15.33 -19.38 -29.99
CA TYR A 57 -14.86 -20.77 -29.82
C TYR A 57 -15.99 -21.70 -29.44
N LYS A 58 -17.00 -21.14 -28.77
CA LYS A 58 -18.15 -21.91 -28.34
C LYS A 58 -19.18 -22.02 -29.45
N ALA A 59 -19.23 -21.01 -30.31
CA ALA A 59 -20.17 -21.01 -31.41
C ALA A 59 -19.74 -22.04 -32.46
N ASP A 60 -18.44 -22.13 -32.70
CA ASP A 60 -17.92 -23.08 -33.68
C ASP A 60 -17.62 -24.44 -33.06
N LYS A 61 -17.99 -24.60 -31.80
CA LYS A 61 -17.76 -25.86 -31.09
C LYS A 61 -16.30 -26.29 -31.36
N THR A 62 -15.38 -25.33 -31.21
CA THR A 62 -13.96 -25.58 -31.45
C THR A 62 -13.25 -26.40 -30.37
N TYR A 63 -13.60 -26.16 -29.11
CA TYR A 63 -12.99 -26.90 -28.00
C TYR A 63 -14.06 -27.67 -27.24
N PRO A 64 -14.26 -28.93 -27.62
CA PRO A 64 -15.23 -29.85 -27.01
C PRO A 64 -15.04 -30.13 -25.52
N THR A 65 -16.15 -30.19 -24.79
CA THR A 65 -16.13 -30.48 -23.36
C THR A 65 -16.95 -31.74 -23.11
N THR A 66 -17.05 -32.59 -24.13
CA THR A 66 -17.82 -33.82 -24.06
C THR A 66 -17.61 -34.66 -22.80
N VAL A 67 -16.36 -35.00 -22.49
CA VAL A 67 -16.09 -35.79 -21.29
C VAL A 67 -16.73 -35.17 -20.05
N ALA A 68 -16.54 -33.87 -19.88
CA ALA A 68 -17.10 -33.17 -18.73
C ALA A 68 -18.62 -33.06 -18.80
N GLU A 69 -19.18 -33.26 -19.98
CA GLU A 69 -20.63 -33.16 -20.15
C GLU A 69 -21.35 -34.51 -20.04
N LYS A 70 -20.60 -35.57 -19.79
CA LYS A 70 -21.21 -36.88 -19.65
C LYS A 70 -22.02 -36.85 -18.35
N PRO A 71 -23.12 -37.61 -18.30
CA PRO A 71 -23.98 -37.66 -17.12
C PRO A 71 -23.24 -37.97 -15.81
N LYS A 72 -22.54 -39.08 -15.79
CA LYS A 72 -21.80 -39.52 -14.61
C LYS A 72 -20.79 -38.52 -14.05
N ASN A 73 -20.49 -37.49 -14.81
CA ASN A 73 -19.51 -36.49 -14.39
C ASN A 73 -20.12 -35.19 -13.88
N ILE A 74 -21.43 -35.05 -14.03
CA ILE A 74 -22.10 -33.82 -13.59
C ILE A 74 -21.89 -33.54 -12.10
N LYS A 75 -21.89 -34.59 -11.28
CA LYS A 75 -21.68 -34.44 -9.84
C LYS A 75 -20.25 -34.02 -9.52
N LYS A 76 -19.36 -34.17 -10.50
CA LYS A 76 -17.96 -33.81 -10.30
C LYS A 76 -17.61 -32.39 -10.76
N ASN A 77 -18.60 -31.65 -11.26
CA ASN A 77 -18.37 -30.28 -11.71
C ASN A 77 -19.07 -29.30 -10.79
N ARG A 78 -18.29 -28.53 -10.05
CA ARG A 78 -18.82 -27.54 -9.12
C ARG A 78 -19.77 -26.55 -9.79
N TYR A 79 -19.41 -26.10 -10.98
CA TYR A 79 -20.23 -25.15 -11.75
C TYR A 79 -20.51 -25.74 -13.13
N LYS A 80 -21.75 -25.66 -13.56
CA LYS A 80 -22.16 -26.21 -14.86
C LYS A 80 -21.61 -25.39 -16.00
N ASP A 81 -21.31 -24.12 -15.73
CA ASP A 81 -20.81 -23.23 -16.76
C ASP A 81 -19.28 -23.21 -16.86
N ILE A 82 -18.63 -23.97 -15.99
CA ILE A 82 -17.17 -24.06 -16.03
C ILE A 82 -16.79 -25.51 -16.33
N LEU A 83 -16.48 -25.77 -17.59
CA LEU A 83 -16.12 -27.11 -18.06
C LEU A 83 -14.75 -27.15 -18.71
N PRO A 84 -13.90 -28.12 -18.31
CA PRO A 84 -12.55 -28.27 -18.86
C PRO A 84 -12.57 -28.79 -20.28
N TYR A 85 -11.72 -28.23 -21.15
CA TYR A 85 -11.67 -28.68 -22.53
C TYR A 85 -11.14 -30.10 -22.57
N ASP A 86 -11.61 -30.88 -23.54
CA ASP A 86 -11.19 -32.27 -23.69
C ASP A 86 -9.70 -32.41 -23.96
N TYR A 87 -9.23 -31.76 -25.02
CA TYR A 87 -7.84 -31.86 -25.41
C TYR A 87 -6.82 -31.41 -24.37
N SER A 88 -7.26 -30.66 -23.37
CA SER A 88 -6.30 -30.21 -22.36
C SER A 88 -6.66 -30.63 -20.92
N ARG A 89 -7.63 -31.52 -20.78
CA ARG A 89 -8.04 -31.98 -19.46
C ARG A 89 -7.06 -32.97 -18.85
N VAL A 90 -6.89 -32.90 -17.53
CA VAL A 90 -5.98 -33.80 -16.86
C VAL A 90 -6.69 -35.14 -16.76
N GLU A 91 -6.11 -36.17 -17.37
CA GLU A 91 -6.71 -37.49 -17.34
C GLU A 91 -6.16 -38.27 -16.14
N LEU A 92 -7.05 -38.91 -15.41
CA LEU A 92 -6.65 -39.69 -14.24
C LEU A 92 -6.50 -41.16 -14.64
N SER A 93 -5.26 -41.65 -14.55
CA SER A 93 -4.96 -43.03 -14.94
C SER A 93 -4.90 -43.96 -13.74
N LEU A 94 -4.35 -43.46 -12.63
CA LEU A 94 -4.20 -44.24 -11.41
C LEU A 94 -5.53 -44.82 -10.92
N ILE A 95 -5.62 -46.15 -10.96
CA ILE A 95 -6.82 -46.83 -10.51
C ILE A 95 -6.62 -47.39 -9.11
N THR A 96 -7.61 -47.19 -8.25
CA THR A 96 -7.54 -47.69 -6.88
C THR A 96 -8.91 -48.19 -6.45
N SER A 97 -9.94 -47.79 -7.19
CA SER A 97 -11.30 -48.19 -6.91
C SER A 97 -12.01 -48.58 -8.20
N ASP A 98 -12.76 -49.68 -8.15
CA ASP A 98 -13.48 -50.13 -9.32
C ASP A 98 -14.43 -49.05 -9.80
N GLU A 99 -14.47 -47.94 -9.06
CA GLU A 99 -15.35 -46.83 -9.41
C GLU A 99 -14.59 -45.56 -9.78
N ASP A 100 -13.29 -45.70 -10.03
CA ASP A 100 -12.46 -44.56 -10.41
C ASP A 100 -12.45 -44.30 -11.91
N SER A 101 -13.07 -43.20 -12.32
CA SER A 101 -13.09 -42.83 -13.73
C SER A 101 -11.82 -42.05 -14.01
N SER A 102 -11.71 -41.49 -15.21
CA SER A 102 -10.53 -40.72 -15.59
C SER A 102 -10.74 -39.22 -15.47
N TYR A 103 -12.00 -38.81 -15.42
CA TYR A 103 -12.34 -37.39 -15.34
C TYR A 103 -12.05 -36.62 -14.07
N ILE A 104 -11.89 -35.31 -14.25
CA ILE A 104 -11.66 -34.36 -13.17
C ILE A 104 -11.68 -32.96 -13.78
N ASN A 105 -12.42 -32.05 -13.18
CA ASN A 105 -12.52 -30.71 -13.72
C ASN A 105 -11.18 -29.99 -13.54
N ALA A 106 -10.30 -30.14 -14.54
CA ALA A 106 -8.99 -29.51 -14.50
C ALA A 106 -8.34 -29.54 -15.88
N ASN A 107 -7.36 -28.66 -16.09
CA ASN A 107 -6.65 -28.61 -17.36
C ASN A 107 -5.18 -28.33 -17.17
N PHE A 108 -4.40 -28.70 -18.18
CA PHE A 108 -2.98 -28.45 -18.16
C PHE A 108 -2.83 -27.07 -18.83
N ILE A 109 -2.01 -26.22 -18.22
CA ILE A 109 -1.76 -24.90 -18.77
C ILE A 109 -0.28 -24.91 -19.12
N LYS A 110 0.04 -24.64 -20.37
CA LYS A 110 1.42 -24.65 -20.80
C LYS A 110 2.26 -23.54 -20.19
N GLY A 111 3.54 -23.82 -20.01
CA GLY A 111 4.44 -22.85 -19.43
C GLY A 111 5.42 -22.31 -20.46
N VAL A 112 6.13 -21.25 -20.09
CA VAL A 112 7.11 -20.61 -20.94
C VAL A 112 7.98 -21.54 -21.78
N TYR A 113 8.29 -22.72 -21.25
CA TYR A 113 9.15 -23.65 -21.99
C TYR A 113 8.47 -24.93 -22.49
N GLY A 114 7.24 -25.17 -22.07
CA GLY A 114 6.57 -26.38 -22.53
C GLY A 114 5.25 -26.65 -21.85
N PRO A 115 4.60 -27.78 -22.20
CA PRO A 115 3.31 -28.18 -21.64
C PRO A 115 3.38 -28.67 -20.20
N LYS A 116 2.22 -28.65 -19.53
CA LYS A 116 2.12 -29.11 -18.15
C LYS A 116 2.87 -28.30 -17.07
N ALA A 117 2.92 -27.00 -17.23
CA ALA A 117 3.58 -26.19 -16.21
C ALA A 117 2.56 -25.99 -15.09
N TYR A 118 1.27 -25.98 -15.44
CA TYR A 118 0.22 -25.78 -14.47
C TYR A 118 -0.99 -26.69 -14.61
N ILE A 119 -1.64 -26.94 -13.48
CA ILE A 119 -2.85 -27.73 -13.46
C ILE A 119 -3.91 -26.83 -12.84
N ALA A 120 -4.56 -26.03 -13.67
CA ALA A 120 -5.62 -25.14 -13.21
C ALA A 120 -6.81 -26.03 -12.91
N THR A 121 -7.29 -26.01 -11.67
CA THR A 121 -8.41 -26.87 -11.28
C THR A 121 -9.37 -26.20 -10.28
N GLN A 122 -10.55 -26.77 -10.12
CA GLN A 122 -11.56 -26.22 -9.20
C GLN A 122 -11.33 -26.69 -7.78
N GLY A 123 -12.11 -26.13 -6.85
CA GLY A 123 -12.01 -26.54 -5.46
C GLY A 123 -12.68 -27.90 -5.44
N PRO A 124 -11.97 -28.95 -5.01
CA PRO A 124 -12.60 -30.28 -4.99
C PRO A 124 -13.88 -30.36 -4.17
N LEU A 125 -14.78 -31.24 -4.58
CA LEU A 125 -16.05 -31.47 -3.90
C LEU A 125 -15.88 -32.71 -3.02
N SER A 126 -16.81 -32.90 -2.08
CA SER A 126 -16.75 -34.05 -1.20
C SER A 126 -16.61 -35.29 -2.09
N THR A 127 -17.31 -35.26 -3.21
CA THR A 127 -17.32 -36.36 -4.16
C THR A 127 -16.13 -36.44 -5.09
N THR A 128 -15.18 -35.50 -5.00
CA THR A 128 -14.01 -35.52 -5.87
C THR A 128 -12.72 -35.34 -5.12
N LEU A 129 -12.74 -35.60 -3.81
CA LEU A 129 -11.55 -35.50 -2.98
C LEU A 129 -10.60 -36.62 -3.36
N LEU A 130 -11.15 -37.79 -3.67
CA LEU A 130 -10.32 -38.92 -4.06
C LEU A 130 -9.62 -38.54 -5.37
N ASP A 131 -10.41 -38.28 -6.42
CA ASP A 131 -9.87 -37.90 -7.72
C ASP A 131 -8.81 -36.83 -7.60
N PHE A 132 -9.04 -35.85 -6.73
CA PHE A 132 -8.08 -34.78 -6.54
C PHE A 132 -6.72 -35.37 -6.19
N TRP A 133 -6.66 -36.11 -5.10
CA TRP A 133 -5.40 -36.72 -4.66
C TRP A 133 -4.79 -37.69 -5.65
N ARG A 134 -5.63 -38.37 -6.43
CA ARG A 134 -5.08 -39.26 -7.44
C ARG A 134 -4.23 -38.38 -8.35
N MET A 135 -4.83 -37.30 -8.84
CA MET A 135 -4.16 -36.36 -9.72
C MET A 135 -2.83 -35.91 -9.13
N ILE A 136 -2.88 -35.25 -7.98
CA ILE A 136 -1.68 -34.76 -7.33
C ILE A 136 -0.58 -35.82 -7.29
N TRP A 137 -1.01 -37.06 -7.06
CA TRP A 137 -0.08 -38.18 -6.97
C TRP A 137 0.47 -38.59 -8.33
N GLU A 138 -0.41 -39.04 -9.22
CA GLU A 138 -0.02 -39.49 -10.55
C GLU A 138 0.99 -38.58 -11.24
N TYR A 139 0.84 -37.27 -11.08
CA TYR A 139 1.73 -36.32 -11.73
C TYR A 139 2.81 -35.74 -10.81
N SER A 140 3.10 -36.43 -9.73
CA SER A 140 4.13 -35.99 -8.79
C SER A 140 4.06 -34.49 -8.52
N VAL A 141 2.86 -33.99 -8.27
CA VAL A 141 2.69 -32.58 -7.98
C VAL A 141 3.35 -32.33 -6.64
N LEU A 142 4.20 -31.31 -6.58
CA LEU A 142 4.90 -30.96 -5.35
C LEU A 142 4.24 -29.78 -4.65
N ILE A 143 3.83 -28.81 -5.45
CA ILE A 143 3.21 -27.59 -4.94
C ILE A 143 1.72 -27.51 -5.26
N ILE A 144 0.94 -27.11 -4.27
CA ILE A 144 -0.47 -26.91 -4.48
C ILE A 144 -0.69 -25.49 -3.99
N VAL A 145 -1.42 -24.70 -4.78
CA VAL A 145 -1.70 -23.33 -4.41
C VAL A 145 -3.19 -23.09 -4.37
N MET A 146 -3.72 -22.90 -3.17
CA MET A 146 -5.15 -22.64 -2.99
C MET A 146 -5.37 -21.15 -2.98
N ALA A 147 -6.10 -20.64 -3.97
CA ALA A 147 -6.36 -19.21 -4.05
C ALA A 147 -7.78 -18.84 -3.69
N CYS A 148 -8.23 -19.27 -2.51
CA CYS A 148 -9.57 -18.94 -2.05
C CYS A 148 -9.85 -19.42 -0.64
N MET A 149 -11.00 -19.03 -0.11
CA MET A 149 -11.42 -19.40 1.24
C MET A 149 -12.47 -20.50 1.13
N GLU A 150 -12.53 -21.38 2.12
CA GLU A 150 -13.51 -22.44 2.09
C GLU A 150 -14.91 -21.81 2.10
N TYR A 151 -15.03 -20.64 2.72
CA TYR A 151 -16.29 -19.94 2.79
C TYR A 151 -16.26 -18.55 2.17
N GLU A 152 -17.10 -18.34 1.17
CA GLU A 152 -17.19 -17.06 0.48
C GLU A 152 -18.63 -16.81 0.03
N MET A 153 -19.05 -15.55 0.12
CA MET A 153 -20.40 -15.18 -0.29
C MET A 153 -21.44 -15.91 0.55
N GLY A 154 -21.08 -16.21 1.79
CA GLY A 154 -21.99 -16.87 2.72
C GLY A 154 -22.09 -18.37 2.59
N LYS A 155 -21.43 -18.94 1.59
CA LYS A 155 -21.49 -20.38 1.39
C LYS A 155 -20.13 -21.07 1.22
N LYS A 156 -20.16 -22.39 1.11
CA LYS A 156 -18.94 -23.18 0.93
C LYS A 156 -18.49 -23.09 -0.54
N LYS A 157 -17.18 -22.94 -0.73
CA LYS A 157 -16.63 -22.83 -2.06
C LYS A 157 -15.52 -23.84 -2.35
N CYS A 158 -15.16 -24.61 -1.35
CA CYS A 158 -14.13 -25.64 -1.46
C CYS A 158 -14.25 -26.63 -0.33
N GLU A 159 -14.00 -27.90 -0.64
CA GLU A 159 -14.06 -28.96 0.37
C GLU A 159 -12.70 -29.19 0.97
N ARG A 160 -12.66 -29.81 2.15
CA ARG A 160 -11.40 -30.08 2.82
C ARG A 160 -10.67 -31.26 2.18
N TYR A 161 -9.45 -31.01 1.72
CA TYR A 161 -8.65 -32.05 1.08
C TYR A 161 -7.27 -32.15 1.76
N TRP A 162 -6.93 -31.16 2.58
CA TRP A 162 -5.65 -31.14 3.28
C TRP A 162 -5.88 -31.49 4.75
N ALA A 163 -4.80 -31.51 5.52
CA ALA A 163 -4.88 -31.82 6.94
C ALA A 163 -4.30 -30.68 7.74
N GLU A 164 -4.82 -30.50 8.96
CA GLU A 164 -4.38 -29.43 9.84
C GLU A 164 -3.71 -29.95 11.11
N PRO A 165 -2.78 -29.16 11.68
CA PRO A 165 -2.05 -29.49 12.91
C PRO A 165 -2.82 -30.17 14.02
N GLY A 166 -2.19 -31.20 14.58
CA GLY A 166 -2.75 -31.98 15.67
C GLY A 166 -4.10 -32.60 15.37
N GLU A 167 -4.35 -32.86 14.09
CA GLU A 167 -5.62 -33.41 13.64
C GLU A 167 -5.55 -34.82 13.04
N MET A 168 -4.53 -35.58 13.42
CA MET A 168 -4.34 -36.95 12.94
C MET A 168 -4.17 -37.05 11.42
N GLN A 169 -5.01 -37.85 10.77
CA GLN A 169 -4.89 -38.00 9.32
C GLN A 169 -6.19 -38.27 8.60
N LEU A 170 -6.58 -37.34 7.73
CA LEU A 170 -7.79 -37.47 6.94
C LEU A 170 -7.57 -38.55 5.91
N GLU A 171 -8.65 -39.22 5.50
CA GLU A 171 -8.50 -40.29 4.53
C GLU A 171 -9.42 -40.22 3.32
N PHE A 172 -8.78 -40.29 2.15
CA PHE A 172 -9.47 -40.24 0.87
C PHE A 172 -8.98 -41.50 0.17
N GLY A 173 -9.89 -42.45 -0.02
CA GLY A 173 -9.50 -43.69 -0.66
C GLY A 173 -8.26 -44.20 0.03
N PRO A 174 -7.23 -44.62 -0.72
CA PRO A 174 -5.99 -45.14 -0.13
C PRO A 174 -4.97 -44.06 0.23
N PHE A 175 -5.40 -42.80 0.25
CA PHE A 175 -4.46 -41.73 0.58
C PHE A 175 -4.55 -41.28 2.03
N SER A 176 -3.39 -40.95 2.62
CA SER A 176 -3.32 -40.48 4.00
C SER A 176 -2.67 -39.12 4.05
N VAL A 177 -3.42 -38.11 4.52
CA VAL A 177 -2.85 -36.78 4.61
C VAL A 177 -2.79 -36.32 6.05
N SER A 178 -1.60 -35.92 6.47
CA SER A 178 -1.38 -35.43 7.82
C SER A 178 -0.57 -34.15 7.63
N CYS A 179 -0.71 -33.21 8.55
CA CYS A 179 0.00 -31.96 8.47
C CYS A 179 1.15 -31.95 9.45
N GLU A 180 2.36 -31.99 8.91
CA GLU A 180 3.56 -31.99 9.73
C GLU A 180 3.81 -30.61 10.32
N ALA A 181 3.71 -29.58 9.48
CA ALA A 181 3.93 -28.20 9.91
C ALA A 181 2.94 -27.27 9.22
N GLU A 182 2.90 -26.02 9.67
CA GLU A 182 1.99 -25.03 9.10
C GLU A 182 2.54 -23.63 9.34
N LYS A 183 3.50 -23.23 8.51
CA LYS A 183 4.14 -21.93 8.61
C LYS A 183 3.25 -20.77 8.20
N ARG A 184 2.53 -20.19 9.15
CA ARG A 184 1.66 -19.06 8.86
C ARG A 184 2.48 -17.84 8.49
N LYS A 185 1.94 -17.04 7.58
CA LYS A 185 2.60 -15.81 7.12
C LYS A 185 1.59 -14.67 6.95
N SER A 186 2.12 -13.51 6.58
CA SER A 186 1.33 -12.30 6.39
C SER A 186 -0.08 -12.53 5.82
N ASP A 187 -0.15 -12.92 4.55
CA ASP A 187 -1.44 -13.14 3.87
C ASP A 187 -1.77 -14.59 3.53
N TYR A 188 -0.80 -15.48 3.69
CA TYR A 188 -1.06 -16.88 3.37
C TYR A 188 -0.39 -17.85 4.34
N ILE A 189 -0.81 -19.12 4.26
CA ILE A 189 -0.29 -20.16 5.12
C ILE A 189 0.39 -21.25 4.31
N ILE A 190 1.44 -21.85 4.87
CA ILE A 190 2.14 -22.91 4.18
C ILE A 190 2.04 -24.22 4.97
N ARG A 191 1.13 -25.09 4.54
CA ARG A 191 0.94 -26.37 5.20
C ARG A 191 1.86 -27.40 4.57
N THR A 192 2.76 -27.95 5.38
CA THR A 192 3.68 -28.96 4.91
C THR A 192 2.98 -30.30 5.15
N LEU A 193 2.44 -30.87 4.08
CA LEU A 193 1.70 -32.11 4.19
C LEU A 193 2.52 -33.37 3.90
N LYS A 194 2.05 -34.49 4.43
CA LYS A 194 2.69 -35.79 4.24
C LYS A 194 1.58 -36.69 3.73
N VAL A 195 1.73 -37.21 2.52
CA VAL A 195 0.68 -38.07 1.98
C VAL A 195 1.19 -39.50 1.79
N LYS A 196 0.47 -40.45 2.38
CA LYS A 196 0.79 -41.86 2.31
C LYS A 196 -0.09 -42.60 1.31
N PHE A 197 0.53 -43.53 0.59
CA PHE A 197 -0.14 -44.33 -0.42
C PHE A 197 0.73 -45.58 -0.67
N ASN A 198 0.17 -46.76 -0.43
CA ASN A 198 0.87 -48.02 -0.63
C ASN A 198 2.33 -48.01 -0.19
N SER A 199 2.54 -47.80 1.11
CA SER A 199 3.89 -47.80 1.69
C SER A 199 4.74 -46.60 1.30
N GLU A 200 4.26 -45.78 0.38
CA GLU A 200 5.04 -44.61 -0.03
C GLU A 200 4.61 -43.34 0.69
N THR A 201 5.59 -42.49 0.97
CA THR A 201 5.34 -41.22 1.65
C THR A 201 5.96 -40.06 0.90
N ARG A 202 5.12 -39.11 0.52
CA ARG A 202 5.56 -37.92 -0.22
C ARG A 202 5.23 -36.67 0.57
N THR A 203 5.98 -35.61 0.30
CA THR A 203 5.75 -34.34 0.96
C THR A 203 5.19 -33.35 -0.05
N ILE A 204 4.01 -32.80 0.25
CA ILE A 204 3.37 -31.82 -0.61
C ILE A 204 3.32 -30.51 0.16
N TYR A 205 3.49 -29.39 -0.54
CA TYR A 205 3.46 -28.07 0.08
C TYR A 205 2.26 -27.25 -0.41
N GLN A 206 1.29 -27.01 0.47
CA GLN A 206 0.10 -26.24 0.11
C GLN A 206 0.18 -24.78 0.52
N PHE A 207 -0.01 -23.88 -0.45
CA PHE A 207 0.04 -22.44 -0.19
C PHE A 207 -1.37 -21.86 -0.19
N HIS A 208 -1.96 -21.74 0.98
CA HIS A 208 -3.32 -21.22 1.13
C HIS A 208 -3.35 -19.69 1.21
N TYR A 209 -3.91 -19.07 0.16
CA TYR A 209 -4.02 -17.62 0.06
C TYR A 209 -5.47 -17.25 0.36
N LYS A 210 -5.70 -16.62 1.51
CA LYS A 210 -7.05 -16.24 1.91
C LYS A 210 -7.47 -14.85 1.43
N ASN A 211 -6.51 -13.94 1.30
CA ASN A 211 -6.81 -12.58 0.85
C ASN A 211 -6.51 -12.39 -0.63
N TRP A 212 -7.05 -11.31 -1.21
CA TRP A 212 -6.84 -11.02 -2.62
C TRP A 212 -6.53 -9.54 -2.80
N PRO A 213 -5.45 -9.21 -3.53
CA PRO A 213 -5.00 -7.84 -3.81
C PRO A 213 -6.16 -6.91 -4.10
N ASP A 214 -5.98 -5.63 -3.82
CA ASP A 214 -7.06 -4.69 -4.08
C ASP A 214 -6.95 -4.00 -5.43
N HIS A 215 -7.85 -4.42 -6.33
CA HIS A 215 -7.95 -3.89 -7.69
C HIS A 215 -7.13 -2.63 -7.98
N ASP A 216 -7.58 -1.50 -7.47
CA ASP A 216 -6.91 -0.22 -7.70
C ASP A 216 -5.84 0.20 -6.69
N VAL A 217 -5.76 -0.48 -5.55
CA VAL A 217 -4.75 -0.12 -4.55
C VAL A 217 -3.43 -0.81 -4.86
N PRO A 218 -2.46 -0.04 -5.42
CA PRO A 218 -1.13 -0.55 -5.79
C PRO A 218 -0.37 -1.24 -4.67
N SER A 219 -0.58 -0.80 -3.43
CA SER A 219 0.12 -1.40 -2.32
C SER A 219 -0.33 -2.81 -2.02
N SER A 220 -1.61 -3.08 -2.21
CA SER A 220 -2.15 -4.40 -1.92
C SER A 220 -1.72 -5.52 -2.87
N ILE A 221 -1.09 -5.18 -3.99
CA ILE A 221 -0.66 -6.21 -4.93
C ILE A 221 0.60 -6.94 -4.48
N ASP A 222 1.33 -6.37 -3.52
CA ASP A 222 2.56 -6.99 -3.04
C ASP A 222 2.40 -8.39 -2.44
N PRO A 223 1.34 -8.60 -1.62
CA PRO A 223 1.16 -9.93 -1.03
C PRO A 223 1.12 -11.05 -2.07
N ILE A 224 0.40 -10.86 -3.16
CA ILE A 224 0.31 -11.90 -4.18
C ILE A 224 1.68 -12.19 -4.82
N LEU A 225 2.51 -11.16 -4.96
CA LEU A 225 3.83 -11.34 -5.53
C LEU A 225 4.64 -12.21 -4.57
N GLU A 226 4.53 -11.91 -3.28
CA GLU A 226 5.23 -12.64 -2.23
C GLU A 226 4.95 -14.13 -2.34
N LEU A 227 3.70 -14.46 -2.62
CA LEU A 227 3.29 -15.85 -2.76
C LEU A 227 4.04 -16.59 -3.85
N ILE A 228 3.93 -16.09 -5.08
CA ILE A 228 4.61 -16.72 -6.21
C ILE A 228 6.11 -16.79 -5.97
N TRP A 229 6.69 -15.73 -5.41
CA TRP A 229 8.12 -15.75 -5.13
C TRP A 229 8.38 -16.88 -4.13
N ASP A 230 7.50 -17.00 -3.13
CA ASP A 230 7.63 -18.05 -2.14
C ASP A 230 7.45 -19.39 -2.84
N VAL A 231 6.34 -19.53 -3.55
CA VAL A 231 6.05 -20.75 -4.29
C VAL A 231 7.25 -21.16 -5.14
N ARG A 232 7.83 -20.20 -5.85
CA ARG A 232 9.00 -20.48 -6.68
C ARG A 232 10.27 -20.77 -5.90
N CYS A 233 10.27 -20.46 -4.61
CA CYS A 233 11.43 -20.76 -3.78
C CYS A 233 11.40 -22.25 -3.47
N TYR A 234 10.23 -22.86 -3.62
CA TYR A 234 10.06 -24.28 -3.36
C TYR A 234 10.28 -25.13 -4.61
N GLN A 235 9.96 -24.57 -5.77
CA GLN A 235 10.15 -25.29 -7.04
C GLN A 235 10.48 -24.33 -8.18
N GLU A 236 11.75 -23.94 -8.26
CA GLU A 236 12.22 -23.02 -9.29
C GLU A 236 11.82 -23.44 -10.70
N ASP A 237 12.16 -24.67 -11.06
CA ASP A 237 11.90 -25.19 -12.39
C ASP A 237 10.44 -25.55 -12.68
N ASP A 238 10.27 -26.36 -13.73
CA ASP A 238 8.96 -26.82 -14.18
C ASP A 238 8.97 -28.33 -14.43
N SER A 239 9.80 -29.04 -13.69
CA SER A 239 9.89 -30.49 -13.84
C SER A 239 8.52 -31.13 -13.71
N VAL A 240 7.80 -30.73 -12.66
CA VAL A 240 6.46 -31.25 -12.40
C VAL A 240 5.50 -30.08 -12.41
N PRO A 241 4.22 -30.36 -12.70
CA PRO A 241 3.20 -29.31 -12.74
C PRO A 241 2.91 -28.71 -11.39
N ILE A 242 2.45 -27.46 -11.40
CA ILE A 242 2.09 -26.82 -10.16
C ILE A 242 0.58 -26.73 -10.19
N CYS A 243 -0.05 -27.33 -9.20
CA CYS A 243 -1.50 -27.32 -9.12
C CYS A 243 -1.94 -25.98 -8.54
N ILE A 244 -2.83 -25.32 -9.24
CA ILE A 244 -3.35 -24.04 -8.78
C ILE A 244 -4.86 -24.16 -8.87
N HIS A 245 -5.54 -23.79 -7.81
CA HIS A 245 -6.97 -23.89 -7.80
C HIS A 245 -7.62 -22.77 -7.02
N SER A 246 -8.90 -22.55 -7.30
CA SER A 246 -9.70 -21.55 -6.64
C SER A 246 -11.03 -22.26 -6.46
N SER A 247 -12.14 -21.54 -6.44
CA SER A 247 -13.40 -22.24 -6.29
C SER A 247 -13.64 -22.93 -7.63
N ALA A 248 -13.72 -22.12 -8.69
CA ALA A 248 -13.96 -22.63 -10.02
C ALA A 248 -12.69 -23.02 -10.77
N GLY A 249 -11.57 -22.40 -10.41
CA GLY A 249 -10.33 -22.71 -11.08
C GLY A 249 -10.21 -21.96 -12.38
N CYS A 250 -10.67 -20.71 -12.39
CA CYS A 250 -10.60 -19.89 -13.59
C CYS A 250 -10.08 -18.48 -13.29
N GLY A 251 -10.85 -17.72 -12.51
CA GLY A 251 -10.50 -16.36 -12.16
C GLY A 251 -9.15 -16.21 -11.48
N ARG A 252 -9.13 -16.34 -10.16
CA ARG A 252 -7.90 -16.20 -9.39
C ARG A 252 -6.86 -17.21 -9.82
N THR A 253 -7.30 -18.37 -10.29
CA THR A 253 -6.38 -19.39 -10.75
C THR A 253 -5.65 -18.79 -11.94
N GLY A 254 -6.41 -18.11 -12.79
CA GLY A 254 -5.84 -17.49 -13.97
C GLY A 254 -4.94 -16.30 -13.68
N VAL A 255 -5.20 -15.58 -12.59
CA VAL A 255 -4.36 -14.43 -12.25
C VAL A 255 -2.96 -14.90 -11.82
N ILE A 256 -2.91 -16.00 -11.08
CA ILE A 256 -1.64 -16.53 -10.60
C ILE A 256 -0.73 -17.06 -11.71
N CYS A 257 -1.28 -17.87 -12.62
CA CYS A 257 -0.51 -18.41 -13.73
C CYS A 257 0.16 -17.32 -14.55
N ALA A 258 -0.66 -16.40 -15.08
CA ALA A 258 -0.17 -15.30 -15.89
C ALA A 258 0.97 -14.52 -15.24
N ILE A 259 0.81 -14.16 -13.98
CA ILE A 259 1.85 -13.42 -13.28
C ILE A 259 3.06 -14.30 -13.08
N ASP A 260 2.86 -15.57 -12.70
CA ASP A 260 4.01 -16.45 -12.51
C ASP A 260 4.71 -16.61 -13.86
N TYR A 261 3.92 -16.84 -14.91
CA TYR A 261 4.41 -17.04 -16.26
C TYR A 261 5.24 -15.86 -16.73
N THR A 262 4.66 -14.67 -16.64
CA THR A 262 5.33 -13.44 -17.05
C THR A 262 6.64 -13.31 -16.26
N TRP A 263 6.53 -13.57 -14.96
CA TRP A 263 7.64 -13.52 -14.02
C TRP A 263 8.73 -14.52 -14.43
N MET A 264 8.32 -15.66 -14.97
CA MET A 264 9.27 -16.68 -15.41
C MET A 264 10.05 -16.19 -16.62
N LEU A 265 9.38 -15.42 -17.48
CA LEU A 265 10.04 -14.89 -18.67
C LEU A 265 11.07 -13.86 -18.20
N LEU A 266 10.63 -12.98 -17.30
CA LEU A 266 11.48 -11.93 -16.76
C LEU A 266 12.71 -12.50 -16.01
N LYS A 267 12.52 -13.59 -15.29
CA LYS A 267 13.61 -14.22 -14.54
C LYS A 267 14.66 -14.85 -15.45
N ASP A 268 14.37 -14.95 -16.74
CA ASP A 268 15.34 -15.54 -17.64
C ASP A 268 15.68 -14.68 -18.85
N GLY A 269 15.29 -13.41 -18.78
CA GLY A 269 15.58 -12.49 -19.87
C GLY A 269 15.02 -13.00 -21.18
N ILE A 270 13.69 -13.16 -21.24
CA ILE A 270 13.05 -13.64 -22.45
C ILE A 270 11.65 -13.09 -22.69
N ILE A 271 11.46 -11.80 -22.41
CA ILE A 271 10.18 -11.13 -22.63
C ILE A 271 10.12 -10.72 -24.10
N PRO A 272 9.28 -11.40 -24.90
CA PRO A 272 9.15 -11.08 -26.33
C PRO A 272 8.96 -9.60 -26.61
N GLU A 273 9.73 -9.09 -27.58
CA GLU A 273 9.68 -7.69 -27.98
C GLU A 273 8.24 -7.17 -28.00
N ASN A 274 7.32 -8.03 -28.41
CA ASN A 274 5.91 -7.65 -28.50
C ASN A 274 5.05 -8.27 -27.40
N PHE A 275 5.59 -8.34 -26.20
CA PHE A 275 4.87 -8.91 -25.06
C PHE A 275 3.63 -8.08 -24.71
N SER A 276 2.61 -8.77 -24.21
CA SER A 276 1.37 -8.12 -23.82
C SER A 276 0.60 -9.08 -22.93
N VAL A 277 0.00 -8.57 -21.86
CA VAL A 277 -0.76 -9.42 -20.97
C VAL A 277 -1.98 -9.97 -21.71
N PHE A 278 -2.62 -9.12 -22.50
CA PHE A 278 -3.79 -9.51 -23.29
C PHE A 278 -3.49 -10.78 -24.09
N SER A 279 -2.33 -10.81 -24.74
CA SER A 279 -1.96 -11.96 -25.56
C SER A 279 -1.62 -13.17 -24.73
N LEU A 280 -1.00 -12.96 -23.57
CA LEU A 280 -0.65 -14.07 -22.70
C LEU A 280 -1.92 -14.70 -22.13
N ILE A 281 -2.94 -13.88 -21.89
CA ILE A 281 -4.19 -14.39 -21.35
C ILE A 281 -4.96 -15.04 -22.50
N ARG A 282 -4.93 -14.41 -23.67
CA ARG A 282 -5.65 -14.95 -24.83
C ARG A 282 -5.23 -16.40 -25.00
N GLU A 283 -3.93 -16.63 -25.05
CA GLU A 283 -3.39 -17.96 -25.22
C GLU A 283 -3.77 -18.92 -24.09
N MET A 284 -3.84 -18.41 -22.87
CA MET A 284 -4.19 -19.27 -21.74
C MET A 284 -5.65 -19.69 -21.78
N ARG A 285 -6.53 -18.79 -22.22
CA ARG A 285 -7.94 -19.10 -22.30
C ARG A 285 -8.21 -20.18 -23.34
N THR A 286 -7.20 -20.53 -24.13
CA THR A 286 -7.41 -21.56 -25.14
C THR A 286 -7.12 -22.92 -24.52
N GLN A 287 -6.45 -22.90 -23.37
CA GLN A 287 -6.10 -24.13 -22.67
C GLN A 287 -7.06 -24.43 -21.52
N ARG A 288 -7.60 -23.39 -20.88
CA ARG A 288 -8.57 -23.53 -19.79
C ARG A 288 -9.60 -22.44 -19.97
N PRO A 289 -10.90 -22.78 -19.90
CA PRO A 289 -12.01 -21.84 -20.05
C PRO A 289 -12.17 -20.80 -18.95
N SER A 290 -12.47 -19.58 -19.36
CA SER A 290 -12.69 -18.46 -18.43
C SER A 290 -11.48 -18.06 -17.59
N LEU A 291 -10.30 -18.50 -17.99
CA LEU A 291 -9.07 -18.14 -17.26
C LEU A 291 -9.05 -16.62 -17.19
N VAL A 292 -9.06 -16.10 -15.96
CA VAL A 292 -9.11 -14.66 -15.69
C VAL A 292 -10.55 -14.26 -15.98
N GLN A 293 -11.37 -14.38 -14.92
CA GLN A 293 -12.79 -14.13 -14.96
C GLN A 293 -13.34 -12.74 -15.26
N THR A 294 -12.75 -11.71 -14.65
CA THR A 294 -13.27 -10.36 -14.85
C THR A 294 -12.23 -9.29 -15.19
N GLN A 295 -12.74 -8.12 -15.54
CA GLN A 295 -11.92 -6.98 -15.88
C GLN A 295 -10.96 -6.65 -14.75
N GLU A 296 -11.46 -6.74 -13.52
CA GLU A 296 -10.65 -6.48 -12.33
C GLU A 296 -9.42 -7.37 -12.23
N GLN A 297 -9.60 -8.65 -12.53
CA GLN A 297 -8.49 -9.60 -12.47
C GLN A 297 -7.55 -9.31 -13.62
N TYR A 298 -8.13 -9.01 -14.78
CA TYR A 298 -7.33 -8.69 -15.96
C TYR A 298 -6.41 -7.54 -15.56
N GLU A 299 -7.00 -6.46 -15.06
CA GLU A 299 -6.23 -5.29 -14.64
C GLU A 299 -5.21 -5.63 -13.56
N LEU A 300 -5.60 -6.48 -12.62
CA LEU A 300 -4.69 -6.89 -11.56
C LEU A 300 -3.45 -7.52 -12.19
N VAL A 301 -3.66 -8.45 -13.12
CA VAL A 301 -2.55 -9.11 -13.79
C VAL A 301 -1.63 -8.05 -14.41
N TYR A 302 -2.24 -7.13 -15.14
CA TYR A 302 -1.51 -6.07 -15.80
C TYR A 302 -0.74 -5.19 -14.80
N ASN A 303 -1.41 -4.77 -13.73
CA ASN A 303 -0.77 -3.95 -12.72
C ASN A 303 0.37 -4.65 -12.01
N ALA A 304 0.19 -5.94 -11.76
CA ALA A 304 1.19 -6.77 -11.09
C ALA A 304 2.41 -6.99 -11.98
N VAL A 305 2.15 -7.19 -13.26
CA VAL A 305 3.22 -7.39 -14.22
C VAL A 305 4.01 -6.10 -14.31
N LEU A 306 3.31 -4.97 -14.31
CA LEU A 306 3.96 -3.66 -14.37
C LEU A 306 4.86 -3.46 -13.16
N GLU A 307 4.37 -3.80 -11.97
CA GLU A 307 5.16 -3.63 -10.77
C GLU A 307 6.47 -4.41 -10.89
N LEU A 308 6.40 -5.62 -11.44
CA LEU A 308 7.58 -6.44 -11.61
C LEU A 308 8.59 -5.74 -12.51
N PHE A 309 8.14 -5.30 -13.67
CA PHE A 309 9.00 -4.60 -14.63
C PHE A 309 9.69 -3.42 -13.98
N LYS A 310 8.93 -2.62 -13.23
CA LYS A 310 9.51 -1.47 -12.56
C LYS A 310 10.62 -1.93 -11.62
N ARG A 311 10.39 -3.07 -10.97
CA ARG A 311 11.36 -3.63 -10.03
C ARG A 311 12.63 -4.15 -10.70
N GLN A 312 12.61 -4.21 -12.03
CA GLN A 312 13.77 -4.71 -12.76
C GLN A 312 14.74 -3.58 -13.12
N MET A 313 14.32 -2.35 -12.88
CA MET A 313 15.16 -1.20 -13.17
C MET A 313 16.07 -0.92 -11.96
N MET B 17 -27.33 -8.15 -17.70
CA MET B 17 -27.51 -9.51 -17.12
C MET B 17 -28.65 -10.24 -17.82
N ALA B 18 -29.37 -9.49 -18.64
CA ALA B 18 -30.45 -10.05 -19.41
C ALA B 18 -30.04 -9.73 -20.84
N SER B 19 -29.45 -10.71 -21.53
CA SER B 19 -28.98 -10.52 -22.91
C SER B 19 -30.04 -10.33 -23.98
N MET B 20 -29.66 -9.65 -25.06
CA MET B 20 -30.54 -9.42 -26.19
C MET B 20 -30.03 -10.25 -27.36
N ASP B 21 -30.93 -10.78 -28.17
CA ASP B 21 -30.53 -11.58 -29.32
C ASP B 21 -29.99 -10.61 -30.36
N GLN B 22 -29.11 -11.08 -31.23
CA GLN B 22 -28.52 -10.22 -32.24
C GLN B 22 -29.55 -9.41 -33.02
N ARG B 23 -30.51 -10.10 -33.62
CA ARG B 23 -31.55 -9.44 -34.40
C ARG B 23 -32.24 -8.34 -33.62
N GLU B 24 -32.40 -8.56 -32.32
CA GLU B 24 -33.04 -7.59 -31.45
C GLU B 24 -32.23 -6.32 -31.30
N ILE B 25 -30.92 -6.46 -31.18
CA ILE B 25 -30.05 -5.31 -31.04
C ILE B 25 -30.06 -4.49 -32.33
N LEU B 26 -30.01 -5.20 -33.46
CA LEU B 26 -30.03 -4.57 -34.76
C LEU B 26 -31.29 -3.74 -34.92
N GLN B 27 -32.44 -4.33 -34.57
CA GLN B 27 -33.71 -3.63 -34.65
C GLN B 27 -33.69 -2.37 -33.80
N LYS B 28 -33.13 -2.49 -32.60
CA LYS B 28 -33.03 -1.34 -31.70
C LYS B 28 -32.24 -0.28 -32.48
N PHE B 29 -31.18 -0.72 -33.13
CA PHE B 29 -30.33 0.19 -33.90
C PHE B 29 -31.07 0.83 -35.06
N LEU B 30 -31.73 0.01 -35.89
CA LEU B 30 -32.48 0.50 -37.03
C LEU B 30 -33.55 1.48 -36.60
N ASP B 31 -34.33 1.09 -35.59
CA ASP B 31 -35.39 1.95 -35.08
C ASP B 31 -34.79 3.30 -34.70
N GLU B 32 -33.73 3.28 -33.89
CA GLU B 32 -33.08 4.52 -33.49
C GLU B 32 -32.58 5.27 -34.71
N ALA B 33 -31.96 4.53 -35.64
CA ALA B 33 -31.42 5.09 -36.87
C ALA B 33 -32.40 6.03 -37.56
N GLN B 34 -33.69 5.80 -37.33
CA GLN B 34 -34.73 6.62 -37.93
C GLN B 34 -34.78 8.03 -37.36
N SER B 35 -35.10 8.13 -36.07
CA SER B 35 -35.19 9.44 -35.42
C SER B 35 -33.89 10.24 -35.47
N LYS B 36 -32.75 9.56 -35.49
CA LYS B 36 -31.45 10.24 -35.53
C LYS B 36 -31.18 10.82 -36.91
N LYS B 37 -31.63 10.14 -37.94
CA LYS B 37 -31.47 10.60 -39.30
C LYS B 37 -32.29 11.88 -39.42
N ILE B 38 -33.37 11.94 -38.65
CA ILE B 38 -34.26 13.10 -38.67
C ILE B 38 -33.99 14.06 -37.51
N THR B 39 -32.75 14.10 -37.04
CA THR B 39 -32.38 14.99 -35.94
C THR B 39 -31.58 16.15 -36.52
N LYS B 40 -31.84 17.35 -36.02
CA LYS B 40 -31.14 18.54 -36.50
C LYS B 40 -29.73 18.70 -35.94
N GLU B 41 -28.74 18.44 -36.80
CA GLU B 41 -27.33 18.55 -36.45
C GLU B 41 -26.81 17.45 -35.51
N GLU B 42 -27.45 16.30 -35.51
CA GLU B 42 -27.03 15.19 -34.65
C GLU B 42 -25.63 14.70 -35.01
N PHE B 43 -25.37 14.53 -36.30
CA PHE B 43 -24.07 14.05 -36.75
C PHE B 43 -22.97 15.07 -36.48
N ALA B 44 -23.27 16.33 -36.71
CA ALA B 44 -22.31 17.39 -36.48
C ALA B 44 -21.92 17.37 -35.00
N ASN B 45 -22.90 17.61 -34.13
CA ASN B 45 -22.65 17.64 -32.69
C ASN B 45 -21.91 16.39 -32.26
N GLU B 46 -22.22 15.27 -32.91
CA GLU B 46 -21.58 14.01 -32.59
C GLU B 46 -20.08 14.15 -32.86
N PHE B 47 -19.74 14.26 -34.14
CA PHE B 47 -18.36 14.40 -34.61
C PHE B 47 -17.58 15.49 -33.87
N LEU B 48 -18.27 16.50 -33.37
CA LEU B 48 -17.60 17.57 -32.66
C LEU B 48 -17.01 17.03 -31.36
N LYS B 49 -17.62 15.99 -30.84
CA LYS B 49 -17.13 15.38 -29.60
C LYS B 49 -15.84 14.63 -29.86
N LEU B 50 -15.75 13.97 -31.02
CA LEU B 50 -14.53 13.24 -31.35
C LEU B 50 -13.37 14.24 -31.33
N LYS B 51 -13.55 15.36 -32.01
CA LYS B 51 -12.54 16.40 -32.08
C LYS B 51 -12.13 16.91 -30.70
N ARG B 52 -13.08 16.98 -29.78
CA ARG B 52 -12.80 17.43 -28.43
C ARG B 52 -11.89 16.44 -27.75
N GLN B 53 -12.34 15.20 -27.69
CA GLN B 53 -11.57 14.13 -27.06
C GLN B 53 -10.12 14.20 -27.53
N SER B 54 -9.93 14.40 -28.82
CA SER B 54 -8.60 14.48 -29.41
C SER B 54 -7.84 15.69 -28.91
N THR B 55 -8.50 16.85 -28.86
CA THR B 55 -7.88 18.08 -28.41
C THR B 55 -7.40 17.93 -26.96
N LYS B 56 -8.26 17.36 -26.12
CA LYS B 56 -7.90 17.16 -24.72
C LYS B 56 -6.79 16.13 -24.62
N TYR B 57 -6.76 15.17 -25.54
CA TYR B 57 -5.71 14.14 -25.52
C TYR B 57 -4.38 14.76 -25.89
N LYS B 58 -4.43 15.81 -26.70
CA LYS B 58 -3.20 16.48 -27.12
C LYS B 58 -2.80 17.54 -26.10
N ALA B 59 -3.76 17.98 -25.31
CA ALA B 59 -3.48 18.99 -24.30
C ALA B 59 -2.80 18.36 -23.10
N ASP B 60 -3.15 17.11 -22.80
CA ASP B 60 -2.56 16.42 -21.67
C ASP B 60 -1.46 15.46 -22.12
N LYS B 61 -0.94 15.71 -23.31
CA LYS B 61 0.14 14.89 -23.87
C LYS B 61 -0.04 13.41 -23.58
N THR B 62 -1.29 12.96 -23.61
CA THR B 62 -1.65 11.58 -23.35
C THR B 62 -0.80 10.62 -24.19
N TYR B 63 -0.84 10.83 -25.51
CA TYR B 63 -0.10 9.99 -26.45
C TYR B 63 1.01 10.80 -27.13
N PRO B 64 2.23 10.68 -26.62
CA PRO B 64 3.42 11.37 -27.13
C PRO B 64 3.74 10.96 -28.58
N THR B 65 4.30 11.89 -29.33
CA THR B 65 4.67 11.64 -30.73
C THR B 65 6.16 11.92 -30.91
N THR B 66 6.94 11.58 -29.88
CA THR B 66 8.37 11.81 -29.87
C THR B 66 9.13 11.37 -31.13
N VAL B 67 9.10 10.08 -31.44
CA VAL B 67 9.81 9.57 -32.60
C VAL B 67 9.47 10.35 -33.88
N ALA B 68 8.17 10.52 -34.13
CA ALA B 68 7.72 11.24 -35.32
C ALA B 68 8.24 12.66 -35.37
N GLU B 69 8.68 13.18 -34.22
CA GLU B 69 9.16 14.55 -34.18
C GLU B 69 10.65 14.69 -34.31
N LYS B 70 11.37 13.56 -34.32
CA LYS B 70 12.82 13.60 -34.47
C LYS B 70 13.17 14.14 -35.86
N PRO B 71 14.35 14.78 -35.99
CA PRO B 71 14.80 15.35 -37.27
C PRO B 71 14.79 14.35 -38.43
N LYS B 72 15.47 13.23 -38.22
CA LYS B 72 15.59 12.16 -39.21
C LYS B 72 14.24 11.60 -39.67
N ASN B 73 13.14 12.11 -39.12
CA ASN B 73 11.83 11.62 -39.48
C ASN B 73 10.87 12.70 -39.96
N ILE B 74 11.36 13.93 -40.04
CA ILE B 74 10.53 15.05 -40.48
C ILE B 74 10.50 15.04 -42.01
N LYS B 75 11.20 14.07 -42.58
CA LYS B 75 11.28 13.90 -44.02
C LYS B 75 10.60 12.59 -44.41
N LYS B 76 9.83 12.02 -43.49
CA LYS B 76 9.15 10.77 -43.75
C LYS B 76 7.64 10.88 -43.51
N ASN B 77 7.22 12.01 -42.97
CA ASN B 77 5.81 12.26 -42.69
C ASN B 77 5.26 13.13 -43.81
N ARG B 78 4.27 12.61 -44.54
CA ARG B 78 3.68 13.35 -45.64
C ARG B 78 3.06 14.65 -45.16
N TYR B 79 2.46 14.62 -43.97
CA TYR B 79 1.82 15.80 -43.38
C TYR B 79 2.39 16.04 -41.98
N LYS B 80 2.74 17.29 -41.68
CA LYS B 80 3.32 17.62 -40.38
C LYS B 80 2.36 17.58 -39.19
N ASP B 81 1.06 17.56 -39.46
CA ASP B 81 0.08 17.53 -38.39
C ASP B 81 -0.47 16.13 -38.16
N ILE B 82 -0.12 15.20 -39.04
CA ILE B 82 -0.54 13.81 -38.89
C ILE B 82 0.67 13.04 -38.36
N LEU B 83 0.65 12.74 -37.05
CA LEU B 83 1.77 12.02 -36.45
C LEU B 83 1.32 10.83 -35.61
N PRO B 84 1.89 9.64 -35.89
CA PRO B 84 1.57 8.38 -35.19
C PRO B 84 1.98 8.42 -33.71
N TYR B 85 1.12 7.94 -32.83
CA TYR B 85 1.47 7.93 -31.42
C TYR B 85 2.60 6.94 -31.25
N ASP B 86 3.53 7.24 -30.34
CA ASP B 86 4.66 6.36 -30.11
C ASP B 86 4.22 4.95 -29.78
N TYR B 87 3.34 4.85 -28.78
CA TYR B 87 2.87 3.55 -28.31
C TYR B 87 2.23 2.59 -29.30
N SER B 88 1.54 3.08 -30.31
CA SER B 88 0.90 2.16 -31.26
C SER B 88 1.57 2.14 -32.64
N ARG B 89 2.67 2.87 -32.79
CA ARG B 89 3.37 2.94 -34.06
C ARG B 89 3.97 1.59 -34.49
N VAL B 90 4.07 1.39 -35.80
CA VAL B 90 4.62 0.15 -36.35
C VAL B 90 6.15 0.26 -36.44
N GLU B 91 6.84 -0.39 -35.51
CA GLU B 91 8.30 -0.36 -35.48
C GLU B 91 8.89 -1.31 -36.50
N LEU B 92 9.86 -0.83 -37.27
CA LEU B 92 10.52 -1.64 -38.28
C LEU B 92 11.81 -2.23 -37.70
N SER B 93 11.95 -3.55 -37.77
CA SER B 93 13.13 -4.23 -37.25
C SER B 93 14.04 -4.76 -38.36
N LEU B 94 13.44 -5.15 -39.48
CA LEU B 94 14.19 -5.66 -40.62
C LEU B 94 15.19 -4.63 -41.14
N ILE B 95 16.48 -4.97 -41.06
CA ILE B 95 17.52 -4.06 -41.51
C ILE B 95 18.07 -4.46 -42.86
N THR B 96 18.31 -3.47 -43.72
CA THR B 96 18.83 -3.70 -45.05
C THR B 96 19.95 -2.72 -45.42
N SER B 97 20.15 -1.73 -44.55
CA SER B 97 21.20 -0.73 -44.74
C SER B 97 21.38 0.06 -43.44
N ASP B 98 22.62 0.40 -43.11
CA ASP B 98 22.89 1.13 -41.87
C ASP B 98 22.20 2.49 -41.92
N GLU B 99 21.55 2.78 -43.04
CA GLU B 99 20.84 4.03 -43.20
C GLU B 99 19.35 3.85 -42.87
N ASP B 100 18.96 2.61 -42.56
CA ASP B 100 17.57 2.31 -42.21
C ASP B 100 17.31 2.51 -40.73
N SER B 101 16.22 3.21 -40.42
CA SER B 101 15.83 3.45 -39.04
C SER B 101 14.60 2.59 -38.74
N SER B 102 14.07 2.73 -37.53
CA SER B 102 12.91 1.96 -37.10
C SER B 102 11.57 2.64 -37.39
N TYR B 103 11.62 3.92 -37.75
CA TYR B 103 10.41 4.67 -37.97
C TYR B 103 9.70 4.64 -39.33
N ILE B 104 8.41 4.93 -39.28
CA ILE B 104 7.54 5.01 -40.44
C ILE B 104 6.18 5.52 -39.97
N ASN B 105 5.56 6.40 -40.74
CA ASN B 105 4.28 6.94 -40.32
C ASN B 105 3.14 5.93 -40.49
N ALA B 106 2.88 5.18 -39.43
CA ALA B 106 1.83 4.16 -39.44
C ALA B 106 1.53 3.65 -38.03
N ASN B 107 0.36 3.07 -37.85
CA ASN B 107 -0.03 2.55 -36.54
C ASN B 107 -0.80 1.24 -36.64
N PHE B 108 -0.77 0.50 -35.54
CA PHE B 108 -1.49 -0.75 -35.43
C PHE B 108 -2.86 -0.41 -34.88
N ILE B 109 -3.90 -0.99 -35.48
CA ILE B 109 -5.26 -0.76 -35.01
C ILE B 109 -5.77 -2.10 -34.51
N LYS B 110 -6.26 -2.11 -33.27
CA LYS B 110 -6.76 -3.35 -32.70
C LYS B 110 -7.99 -3.80 -33.48
N GLY B 111 -8.17 -5.11 -33.59
CA GLY B 111 -9.32 -5.65 -34.29
C GLY B 111 -10.32 -6.12 -33.26
N VAL B 112 -11.40 -6.75 -33.70
CA VAL B 112 -12.41 -7.23 -32.74
C VAL B 112 -11.90 -8.27 -31.74
N TYR B 113 -10.94 -9.10 -32.14
CA TYR B 113 -10.43 -10.13 -31.23
C TYR B 113 -9.04 -9.91 -30.66
N GLY B 114 -8.36 -8.85 -31.09
CA GLY B 114 -7.02 -8.61 -30.57
C GLY B 114 -6.26 -7.53 -31.33
N PRO B 115 -5.03 -7.21 -30.89
CA PRO B 115 -4.21 -6.17 -31.54
C PRO B 115 -3.74 -6.51 -32.95
N LYS B 116 -3.22 -5.49 -33.63
CA LYS B 116 -2.67 -5.63 -34.97
C LYS B 116 -3.57 -6.23 -36.05
N ALA B 117 -4.82 -5.79 -36.13
CA ALA B 117 -5.71 -6.29 -37.17
C ALA B 117 -5.45 -5.46 -38.43
N TYR B 118 -5.14 -4.18 -38.22
CA TYR B 118 -4.87 -3.27 -39.33
C TYR B 118 -3.60 -2.45 -39.15
N ILE B 119 -3.08 -1.93 -40.24
CA ILE B 119 -1.92 -1.07 -40.19
C ILE B 119 -2.27 0.20 -40.96
N ALA B 120 -2.88 1.16 -40.26
CA ALA B 120 -3.23 2.44 -40.88
C ALA B 120 -1.92 3.16 -41.16
N THR B 121 -1.66 3.51 -42.42
CA THR B 121 -0.41 4.17 -42.80
C THR B 121 -0.61 5.21 -43.92
N GLN B 122 0.26 6.21 -44.00
CA GLN B 122 0.18 7.27 -45.00
C GLN B 122 0.63 6.81 -46.38
N GLY B 123 0.23 7.53 -47.42
CA GLY B 123 0.67 7.18 -48.75
C GLY B 123 2.19 7.29 -48.72
N PRO B 124 2.92 6.24 -49.11
CA PRO B 124 4.37 6.39 -49.06
C PRO B 124 4.95 7.50 -49.92
N LEU B 125 6.10 8.03 -49.49
CA LEU B 125 6.81 9.10 -50.18
C LEU B 125 8.01 8.46 -50.86
N SER B 126 8.51 9.08 -51.93
CA SER B 126 9.65 8.53 -52.64
C SER B 126 10.79 8.19 -51.67
N THR B 127 10.86 8.94 -50.58
CA THR B 127 11.91 8.72 -49.59
C THR B 127 11.49 7.78 -48.46
N THR B 128 10.39 7.04 -48.65
CA THR B 128 9.93 6.10 -47.63
C THR B 128 9.39 4.81 -48.24
N LEU B 129 9.45 4.72 -49.58
CA LEU B 129 8.98 3.54 -50.31
C LEU B 129 9.71 2.30 -49.82
N LEU B 130 11.00 2.47 -49.49
CA LEU B 130 11.78 1.35 -49.00
C LEU B 130 11.22 0.93 -47.65
N ASP B 131 11.04 1.91 -46.77
CA ASP B 131 10.48 1.62 -45.44
C ASP B 131 9.10 0.99 -45.56
N PHE B 132 8.39 1.28 -46.65
CA PHE B 132 7.07 0.71 -46.85
C PHE B 132 7.15 -0.82 -47.02
N TRP B 133 7.94 -1.29 -47.96
CA TRP B 133 8.07 -2.72 -48.17
C TRP B 133 8.71 -3.44 -46.98
N ARG B 134 9.60 -2.78 -46.27
CA ARG B 134 10.22 -3.41 -45.11
C ARG B 134 9.09 -3.74 -44.12
N MET B 135 8.17 -2.80 -43.96
CA MET B 135 7.07 -3.01 -43.05
C MET B 135 6.21 -4.16 -43.53
N ILE B 136 5.79 -4.07 -44.79
CA ILE B 136 4.96 -5.11 -45.40
C ILE B 136 5.56 -6.49 -45.31
N TRP B 137 6.88 -6.57 -45.38
CA TRP B 137 7.57 -7.84 -45.31
C TRP B 137 7.74 -8.37 -43.89
N GLU B 138 8.28 -7.55 -43.00
CA GLU B 138 8.50 -7.96 -41.62
C GLU B 138 7.23 -8.56 -41.03
N TYR B 139 6.14 -7.83 -41.14
CA TYR B 139 4.87 -8.28 -40.57
C TYR B 139 4.02 -9.19 -41.46
N SER B 140 4.67 -9.88 -42.40
CA SER B 140 3.98 -10.82 -43.28
C SER B 140 2.64 -10.31 -43.74
N VAL B 141 2.62 -9.05 -44.16
CA VAL B 141 1.39 -8.46 -44.64
C VAL B 141 1.04 -9.10 -45.97
N LEU B 142 -0.19 -9.58 -46.08
CA LEU B 142 -0.65 -10.19 -47.33
C LEU B 142 -1.51 -9.24 -48.15
N ILE B 143 -2.41 -8.52 -47.48
CA ILE B 143 -3.34 -7.62 -48.17
C ILE B 143 -3.05 -6.12 -47.94
N ILE B 144 -2.99 -5.35 -49.03
CA ILE B 144 -2.81 -3.91 -48.94
C ILE B 144 -4.03 -3.29 -49.63
N VAL B 145 -4.64 -2.31 -48.98
CA VAL B 145 -5.81 -1.61 -49.50
C VAL B 145 -5.44 -0.14 -49.67
N MET B 146 -5.39 0.33 -50.92
CA MET B 146 -5.09 1.73 -51.19
C MET B 146 -6.39 2.45 -51.49
N ALA B 147 -6.79 3.34 -50.59
CA ALA B 147 -8.04 4.09 -50.76
C ALA B 147 -7.84 5.53 -51.21
N CYS B 148 -7.14 5.70 -52.32
CA CYS B 148 -6.92 7.03 -52.86
C CYS B 148 -6.27 6.97 -54.24
N MET B 149 -6.14 8.12 -54.89
CA MET B 149 -5.53 8.21 -56.21
C MET B 149 -4.15 8.82 -56.04
N GLU B 150 -3.28 8.61 -57.02
CA GLU B 150 -1.95 9.18 -56.93
C GLU B 150 -2.08 10.71 -57.04
N TYR B 151 -3.07 11.17 -57.80
CA TYR B 151 -3.29 12.60 -57.98
C TYR B 151 -4.66 13.10 -57.52
N GLU B 152 -4.64 14.08 -56.62
CA GLU B 152 -5.86 14.68 -56.09
C GLU B 152 -5.60 16.15 -55.76
N MET B 153 -6.63 16.97 -55.97
CA MET B 153 -6.54 18.40 -55.69
C MET B 153 -5.46 19.11 -56.49
N GLY B 154 -5.04 18.49 -57.60
CA GLY B 154 -4.04 19.07 -58.47
C GLY B 154 -2.62 18.58 -58.27
N LYS B 155 -2.33 17.98 -57.13
CA LYS B 155 -0.99 17.51 -56.85
C LYS B 155 -0.90 16.01 -56.49
N LYS B 156 0.33 15.50 -56.44
CA LYS B 156 0.58 14.09 -56.11
C LYS B 156 0.32 13.79 -54.63
N LYS B 157 -0.45 12.74 -54.38
CA LYS B 157 -0.83 12.36 -53.02
C LYS B 157 -0.22 11.04 -52.52
N CYS B 158 0.45 10.32 -53.41
CA CYS B 158 1.09 9.04 -53.05
C CYS B 158 2.12 8.67 -54.10
N GLU B 159 3.20 8.05 -53.65
CA GLU B 159 4.26 7.63 -54.54
C GLU B 159 3.97 6.21 -55.05
N ARG B 160 4.62 5.82 -56.13
CA ARG B 160 4.41 4.50 -56.69
C ARG B 160 5.24 3.49 -55.88
N TYR B 161 4.58 2.47 -55.36
CA TYR B 161 5.27 1.44 -54.58
C TYR B 161 4.91 0.08 -55.14
N TRP B 162 3.92 0.04 -56.03
CA TRP B 162 3.48 -1.20 -56.65
C TRP B 162 3.96 -1.27 -58.10
N ALA B 163 3.77 -2.41 -58.73
CA ALA B 163 4.19 -2.59 -60.11
C ALA B 163 2.95 -2.85 -60.97
N GLU B 164 3.04 -2.50 -62.25
CA GLU B 164 1.92 -2.69 -63.17
C GLU B 164 2.33 -3.60 -64.32
N PRO B 165 1.35 -4.24 -64.98
CA PRO B 165 1.54 -5.16 -66.12
C PRO B 165 2.55 -4.74 -67.18
N GLY B 166 3.39 -5.69 -67.58
CA GLY B 166 4.41 -5.46 -68.61
C GLY B 166 5.49 -4.49 -68.19
N GLU B 167 5.41 -4.00 -66.97
CA GLU B 167 6.34 -3.01 -66.46
C GLU B 167 7.56 -3.62 -65.78
N MET B 168 7.92 -4.84 -66.18
CA MET B 168 9.07 -5.51 -65.59
C MET B 168 9.03 -5.42 -64.06
N GLN B 169 10.15 -5.14 -63.41
CA GLN B 169 10.14 -5.07 -61.95
C GLN B 169 10.80 -3.83 -61.35
N LEU B 170 10.05 -3.18 -60.47
CA LEU B 170 10.56 -1.98 -59.81
C LEU B 170 11.39 -2.49 -58.65
N GLU B 171 12.29 -1.65 -58.16
CA GLU B 171 13.12 -2.06 -57.07
C GLU B 171 13.36 -0.97 -56.06
N PHE B 172 13.10 -1.33 -54.82
CA PHE B 172 13.25 -0.45 -53.68
C PHE B 172 14.22 -1.23 -52.81
N GLY B 173 15.37 -0.64 -52.51
CA GLY B 173 16.36 -1.31 -51.71
C GLY B 173 16.56 -2.72 -52.23
N PRO B 174 16.62 -3.73 -51.35
CA PRO B 174 16.80 -5.11 -51.79
C PRO B 174 15.48 -5.80 -52.12
N PHE B 175 14.42 -5.02 -52.32
CA PHE B 175 13.10 -5.57 -52.64
C PHE B 175 12.78 -5.48 -54.14
N SER B 176 12.12 -6.52 -54.66
CA SER B 176 11.75 -6.55 -56.07
C SER B 176 10.25 -6.76 -56.22
N VAL B 177 9.59 -5.87 -56.96
CA VAL B 177 8.15 -5.97 -57.16
C VAL B 177 7.77 -5.97 -58.63
N SER B 178 7.05 -7.02 -59.03
CA SER B 178 6.57 -7.14 -60.40
C SER B 178 5.09 -7.43 -60.24
N CYS B 179 4.32 -7.32 -61.31
CA CYS B 179 2.89 -7.56 -61.24
C CYS B 179 2.45 -8.70 -62.15
N GLU B 180 2.06 -9.81 -61.54
CA GLU B 180 1.61 -10.98 -62.29
C GLU B 180 0.23 -10.77 -62.90
N ALA B 181 -0.71 -10.28 -62.11
CA ALA B 181 -2.06 -10.07 -62.60
C ALA B 181 -2.71 -8.79 -62.10
N GLU B 182 -3.71 -8.31 -62.85
CA GLU B 182 -4.40 -7.09 -62.51
C GLU B 182 -5.88 -7.26 -62.82
N LYS B 183 -6.68 -7.57 -61.80
CA LYS B 183 -8.12 -7.75 -61.97
C LYS B 183 -8.85 -6.43 -61.79
N ARG B 184 -9.33 -5.87 -62.90
CA ARG B 184 -10.05 -4.60 -62.85
C ARG B 184 -11.55 -4.80 -62.72
N LYS B 185 -12.07 -4.51 -61.53
CA LYS B 185 -13.48 -4.64 -61.25
C LYS B 185 -14.12 -3.26 -61.45
N SER B 186 -15.44 -3.23 -61.60
CA SER B 186 -16.16 -1.98 -61.81
C SER B 186 -15.60 -0.77 -61.07
N ASP B 187 -15.48 -0.87 -59.75
CA ASP B 187 -14.98 0.26 -58.97
C ASP B 187 -13.56 0.20 -58.42
N TYR B 188 -12.84 -0.89 -58.67
CA TYR B 188 -11.47 -0.98 -58.16
C TYR B 188 -10.64 -2.06 -58.84
N ILE B 189 -9.34 -2.03 -58.58
CA ILE B 189 -8.40 -2.98 -59.17
C ILE B 189 -7.64 -3.83 -58.16
N ILE B 190 -7.49 -5.11 -58.48
CA ILE B 190 -6.75 -5.99 -57.62
C ILE B 190 -5.47 -6.40 -58.34
N ARG B 191 -4.35 -5.87 -57.87
CA ARG B 191 -3.06 -6.20 -58.44
C ARG B 191 -2.44 -7.32 -57.63
N THR B 192 -2.11 -8.41 -58.31
CA THR B 192 -1.48 -9.55 -57.67
C THR B 192 0.00 -9.31 -57.84
N LEU B 193 0.65 -8.85 -56.78
CA LEU B 193 2.08 -8.55 -56.83
C LEU B 193 2.98 -9.63 -56.27
N LYS B 194 4.10 -9.86 -56.97
CA LYS B 194 5.11 -10.84 -56.57
C LYS B 194 6.28 -10.07 -55.97
N VAL B 195 6.54 -10.29 -54.69
CA VAL B 195 7.65 -9.60 -54.03
C VAL B 195 8.81 -10.54 -53.71
N LYS B 196 10.01 -10.12 -54.10
CA LYS B 196 11.21 -10.90 -53.89
C LYS B 196 12.22 -10.17 -53.02
N PHE B 197 12.65 -10.86 -51.98
CA PHE B 197 13.63 -10.36 -51.03
C PHE B 197 14.54 -11.53 -50.62
N ASN B 198 15.84 -11.33 -50.75
CA ASN B 198 16.84 -12.34 -50.40
C ASN B 198 16.43 -13.77 -50.71
N SER B 199 16.25 -14.04 -52.00
CA SER B 199 15.89 -15.39 -52.46
C SER B 199 14.46 -15.87 -52.20
N GLU B 200 13.69 -15.14 -51.40
CA GLU B 200 12.32 -15.54 -51.09
C GLU B 200 11.29 -14.75 -51.90
N THR B 201 10.18 -15.41 -52.24
CA THR B 201 9.13 -14.76 -53.04
C THR B 201 7.72 -14.88 -52.46
N ARG B 202 7.12 -13.72 -52.16
CA ARG B 202 5.77 -13.66 -51.62
C ARG B 202 4.77 -13.05 -52.60
N THR B 203 3.49 -13.36 -52.37
CA THR B 203 2.42 -12.82 -53.20
C THR B 203 1.63 -11.84 -52.33
N ILE B 204 1.55 -10.59 -52.79
CA ILE B 204 0.83 -9.53 -52.11
C ILE B 204 -0.33 -9.12 -52.99
N TYR B 205 -1.49 -8.88 -52.40
CA TYR B 205 -2.65 -8.45 -53.18
C TYR B 205 -2.94 -6.98 -52.84
N GLN B 206 -2.94 -6.11 -53.85
CA GLN B 206 -3.23 -4.70 -53.61
C GLN B 206 -4.61 -4.36 -54.15
N PHE B 207 -5.45 -3.78 -53.30
CA PHE B 207 -6.80 -3.37 -53.67
C PHE B 207 -6.79 -1.85 -53.85
N HIS B 208 -6.86 -1.40 -55.10
CA HIS B 208 -6.85 0.01 -55.39
C HIS B 208 -8.26 0.57 -55.65
N TYR B 209 -8.72 1.39 -54.71
CA TYR B 209 -10.04 2.03 -54.76
C TYR B 209 -9.80 3.48 -55.11
N LYS B 210 -10.26 3.92 -56.28
CA LYS B 210 -10.07 5.29 -56.74
C LYS B 210 -11.26 6.19 -56.49
N ASN B 211 -12.44 5.62 -56.33
CA ASN B 211 -13.64 6.40 -56.09
C ASN B 211 -13.99 6.38 -54.62
N TRP B 212 -15.02 7.10 -54.23
CA TRP B 212 -15.44 7.13 -52.85
C TRP B 212 -16.94 7.37 -52.85
N PRO B 213 -17.66 6.76 -51.89
CA PRO B 213 -19.11 6.92 -51.78
C PRO B 213 -19.58 8.37 -51.76
N ASP B 214 -20.83 8.58 -52.12
CA ASP B 214 -21.42 9.91 -52.14
C ASP B 214 -22.29 10.13 -50.90
N HIS B 215 -21.74 10.82 -49.92
CA HIS B 215 -22.41 11.13 -48.66
C HIS B 215 -23.93 10.91 -48.66
N ASP B 216 -24.65 11.75 -49.39
CA ASP B 216 -26.12 11.67 -49.43
C ASP B 216 -26.75 10.81 -50.53
N VAL B 217 -25.92 10.11 -51.31
CA VAL B 217 -26.44 9.26 -52.39
C VAL B 217 -26.13 7.79 -52.11
N PRO B 218 -26.88 7.19 -51.17
CA PRO B 218 -26.79 5.80 -50.71
C PRO B 218 -26.44 4.75 -51.77
N SER B 219 -26.95 4.93 -52.98
CA SER B 219 -26.67 3.98 -54.03
C SER B 219 -25.17 3.82 -54.26
N SER B 220 -24.39 4.76 -53.77
CA SER B 220 -22.94 4.73 -53.97
C SER B 220 -22.10 4.30 -52.77
N ILE B 221 -22.68 3.52 -51.86
CA ILE B 221 -21.90 3.04 -50.73
C ILE B 221 -21.52 1.60 -51.04
N ASP B 222 -22.31 0.99 -51.91
CA ASP B 222 -22.13 -0.41 -52.33
C ASP B 222 -20.72 -0.81 -52.75
N PRO B 223 -20.03 0.01 -53.53
CA PRO B 223 -18.69 -0.34 -53.97
C PRO B 223 -17.72 -0.50 -52.80
N ILE B 224 -17.90 0.30 -51.76
CA ILE B 224 -17.01 0.21 -50.62
C ILE B 224 -17.26 -1.12 -49.91
N LEU B 225 -18.51 -1.55 -49.86
CA LEU B 225 -18.85 -2.82 -49.24
C LEU B 225 -18.28 -3.93 -50.11
N GLU B 226 -18.45 -3.79 -51.42
CA GLU B 226 -17.92 -4.77 -52.37
C GLU B 226 -16.44 -4.93 -52.07
N LEU B 227 -15.78 -3.78 -51.89
CA LEU B 227 -14.36 -3.75 -51.60
C LEU B 227 -13.99 -4.55 -50.36
N ILE B 228 -14.62 -4.19 -49.25
CA ILE B 228 -14.35 -4.88 -47.99
C ILE B 228 -14.71 -6.35 -48.09
N TRP B 229 -15.76 -6.67 -48.83
CA TRP B 229 -16.15 -8.06 -48.99
C TRP B 229 -15.12 -8.83 -49.79
N ASP B 230 -14.55 -8.19 -50.81
CA ASP B 230 -13.56 -8.88 -51.61
C ASP B 230 -12.35 -9.14 -50.74
N VAL B 231 -11.88 -8.10 -50.08
CA VAL B 231 -10.73 -8.18 -49.20
C VAL B 231 -10.88 -9.36 -48.24
N ARG B 232 -12.05 -9.51 -47.65
CA ARG B 232 -12.28 -10.60 -46.71
C ARG B 232 -12.36 -11.99 -47.34
N CYS B 233 -12.27 -12.05 -48.66
CA CYS B 233 -12.28 -13.35 -49.34
C CYS B 233 -10.84 -13.83 -49.37
N TYR B 234 -9.91 -12.89 -49.48
CA TYR B 234 -8.50 -13.23 -49.52
C TYR B 234 -7.96 -13.52 -48.11
N GLN B 235 -8.52 -12.86 -47.09
CA GLN B 235 -8.11 -13.11 -45.71
C GLN B 235 -9.27 -12.90 -44.73
N GLU B 236 -9.93 -14.00 -44.38
CA GLU B 236 -11.08 -13.97 -43.47
C GLU B 236 -10.70 -13.69 -42.02
N ASP B 237 -9.59 -14.27 -41.57
CA ASP B 237 -9.15 -14.14 -40.20
C ASP B 237 -8.39 -12.85 -39.91
N ASP B 238 -7.47 -12.93 -38.96
CA ASP B 238 -6.65 -11.82 -38.55
C ASP B 238 -5.25 -12.33 -38.22
N SER B 239 -4.86 -13.43 -38.86
CA SER B 239 -3.54 -14.00 -38.63
C SER B 239 -2.52 -12.89 -38.74
N VAL B 240 -2.43 -12.26 -39.91
CA VAL B 240 -1.51 -11.15 -40.10
C VAL B 240 -2.31 -9.88 -40.39
N PRO B 241 -1.73 -8.71 -40.05
CA PRO B 241 -2.32 -7.38 -40.23
C PRO B 241 -2.68 -7.05 -41.67
N ILE B 242 -3.72 -6.24 -41.83
CA ILE B 242 -4.13 -5.80 -43.16
C ILE B 242 -3.68 -4.36 -43.29
N CYS B 243 -2.82 -4.06 -44.27
CA CYS B 243 -2.33 -2.70 -44.45
C CYS B 243 -3.33 -1.87 -45.23
N ILE B 244 -3.87 -0.83 -44.60
CA ILE B 244 -4.83 0.05 -45.25
C ILE B 244 -4.25 1.47 -45.24
N HIS B 245 -4.21 2.12 -46.40
CA HIS B 245 -3.67 3.48 -46.48
C HIS B 245 -4.44 4.37 -47.44
N SER B 246 -4.21 5.66 -47.32
CA SER B 246 -4.86 6.66 -48.18
C SER B 246 -3.75 7.65 -48.50
N SER B 247 -3.99 8.94 -48.31
CA SER B 247 -2.92 9.90 -48.58
C SER B 247 -2.23 10.11 -47.25
N ALA B 248 -3.04 10.51 -46.26
CA ALA B 248 -2.57 10.76 -44.90
C ALA B 248 -2.66 9.51 -44.04
N GLY B 249 -3.62 8.64 -44.35
CA GLY B 249 -3.79 7.42 -43.57
C GLY B 249 -4.62 7.65 -42.32
N CYS B 250 -5.71 8.41 -42.47
CA CYS B 250 -6.58 8.71 -41.34
C CYS B 250 -8.05 8.69 -41.74
N GLY B 251 -8.41 9.63 -42.62
CA GLY B 251 -9.78 9.74 -43.09
C GLY B 251 -10.34 8.50 -43.76
N ARG B 252 -10.04 8.32 -45.04
CA ARG B 252 -10.52 7.16 -45.78
C ARG B 252 -10.06 5.84 -45.15
N THR B 253 -8.87 5.85 -44.58
CA THR B 253 -8.32 4.67 -43.93
C THR B 253 -9.21 4.25 -42.76
N GLY B 254 -9.55 5.21 -41.90
CA GLY B 254 -10.40 4.91 -40.76
C GLY B 254 -11.78 4.44 -41.17
N VAL B 255 -12.34 5.06 -42.20
CA VAL B 255 -13.66 4.65 -42.66
C VAL B 255 -13.66 3.17 -42.99
N ILE B 256 -12.63 2.73 -43.69
CA ILE B 256 -12.54 1.33 -44.07
C ILE B 256 -12.28 0.42 -42.89
N CYS B 257 -11.44 0.85 -41.96
CA CYS B 257 -11.14 0.05 -40.78
C CYS B 257 -12.38 -0.04 -39.91
N ALA B 258 -13.13 1.06 -39.82
CA ALA B 258 -14.33 1.09 -39.02
C ALA B 258 -15.39 0.17 -39.62
N ILE B 259 -15.67 0.31 -40.91
CA ILE B 259 -16.69 -0.52 -41.55
C ILE B 259 -16.36 -2.01 -41.49
N ASP B 260 -15.09 -2.35 -41.75
CA ASP B 260 -14.72 -3.77 -41.70
C ASP B 260 -14.93 -4.33 -40.30
N TYR B 261 -14.40 -3.62 -39.31
CA TYR B 261 -14.50 -4.01 -37.91
C TYR B 261 -15.96 -4.32 -37.57
N THR B 262 -16.84 -3.38 -37.87
CA THR B 262 -18.26 -3.54 -37.61
C THR B 262 -18.73 -4.80 -38.33
N TRP B 263 -18.37 -4.87 -39.60
CA TRP B 263 -18.69 -5.96 -40.50
C TRP B 263 -18.31 -7.29 -39.85
N MET B 264 -17.13 -7.32 -39.23
CA MET B 264 -16.61 -8.50 -38.55
C MET B 264 -17.45 -8.94 -37.36
N LEU B 265 -17.96 -7.98 -36.60
CA LEU B 265 -18.79 -8.28 -35.42
C LEU B 265 -20.11 -8.87 -35.88
N LEU B 266 -20.64 -8.32 -36.97
CA LEU B 266 -21.91 -8.77 -37.53
C LEU B 266 -21.80 -10.17 -38.10
N LYS B 267 -20.66 -10.47 -38.72
CA LYS B 267 -20.43 -11.79 -39.32
C LYS B 267 -20.24 -12.90 -38.29
N ASP B 268 -19.90 -12.53 -37.06
CA ASP B 268 -19.67 -13.51 -36.02
C ASP B 268 -20.67 -13.43 -34.86
N GLY B 269 -21.82 -12.82 -35.12
CA GLY B 269 -22.85 -12.67 -34.11
C GLY B 269 -22.36 -12.13 -32.78
N ILE B 270 -21.69 -10.98 -32.81
CA ILE B 270 -21.17 -10.40 -31.57
C ILE B 270 -21.23 -8.87 -31.49
N ILE B 271 -22.32 -8.29 -31.97
CA ILE B 271 -22.53 -6.85 -31.92
C ILE B 271 -23.06 -6.52 -30.53
N PRO B 272 -22.27 -5.83 -29.71
CA PRO B 272 -22.70 -5.48 -28.36
C PRO B 272 -24.04 -4.76 -28.29
N GLU B 273 -24.71 -4.87 -27.14
CA GLU B 273 -26.00 -4.22 -26.95
C GLU B 273 -25.84 -2.72 -27.08
N ASN B 274 -24.81 -2.19 -26.43
CA ASN B 274 -24.53 -0.76 -26.43
C ASN B 274 -23.66 -0.33 -27.59
N PHE B 275 -23.84 -0.96 -28.75
CA PHE B 275 -23.05 -0.64 -29.93
C PHE B 275 -23.32 0.75 -30.51
N SER B 276 -22.26 1.42 -30.93
CA SER B 276 -22.37 2.75 -31.52
C SER B 276 -21.18 3.07 -32.41
N VAL B 277 -21.46 3.46 -33.65
CA VAL B 277 -20.40 3.83 -34.57
C VAL B 277 -19.52 4.86 -33.86
N PHE B 278 -20.15 5.79 -33.15
CA PHE B 278 -19.42 6.83 -32.43
C PHE B 278 -18.31 6.25 -31.53
N SER B 279 -18.67 5.30 -30.68
CA SER B 279 -17.71 4.69 -29.78
C SER B 279 -16.69 3.82 -30.50
N LEU B 280 -17.11 3.19 -31.60
CA LEU B 280 -16.20 2.38 -32.36
C LEU B 280 -15.12 3.30 -32.89
N ILE B 281 -15.53 4.48 -33.35
CA ILE B 281 -14.56 5.43 -33.87
C ILE B 281 -13.73 6.01 -32.71
N ARG B 282 -14.41 6.35 -31.63
CA ARG B 282 -13.75 6.92 -30.47
C ARG B 282 -12.61 6.01 -29.99
N GLU B 283 -12.80 4.71 -30.07
CA GLU B 283 -11.76 3.77 -29.64
C GLU B 283 -10.57 3.71 -30.60
N MET B 284 -10.85 3.82 -31.90
CA MET B 284 -9.79 3.77 -32.89
C MET B 284 -8.93 5.02 -32.90
N ARG B 285 -9.56 6.18 -32.70
CA ARG B 285 -8.82 7.44 -32.67
C ARG B 285 -7.81 7.48 -31.54
N THR B 286 -7.86 6.50 -30.64
CA THR B 286 -6.91 6.45 -29.54
C THR B 286 -5.69 5.64 -29.96
N GLN B 287 -5.80 4.97 -31.10
CA GLN B 287 -4.72 4.15 -31.61
C GLN B 287 -4.01 4.83 -32.80
N ARG B 288 -4.80 5.53 -33.61
CA ARG B 288 -4.29 6.27 -34.76
C ARG B 288 -4.99 7.63 -34.75
N PRO B 289 -4.22 8.71 -34.92
CA PRO B 289 -4.81 10.06 -34.93
C PRO B 289 -5.61 10.43 -36.17
N SER B 290 -6.75 11.08 -35.95
CA SER B 290 -7.62 11.55 -37.02
C SER B 290 -8.41 10.49 -37.77
N LEU B 291 -8.44 9.26 -37.27
CA LEU B 291 -9.21 8.21 -37.93
C LEU B 291 -10.62 8.78 -38.07
N VAL B 292 -11.10 8.78 -39.31
CA VAL B 292 -12.41 9.33 -39.66
C VAL B 292 -12.25 10.84 -39.55
N GLN B 293 -11.66 11.41 -40.60
CA GLN B 293 -11.32 12.82 -40.74
C GLN B 293 -12.42 13.86 -40.72
N THR B 294 -13.46 13.67 -41.53
CA THR B 294 -14.53 14.65 -41.62
C THR B 294 -15.88 14.12 -41.17
N GLN B 295 -16.87 15.01 -41.14
CA GLN B 295 -18.21 14.62 -40.74
C GLN B 295 -18.80 13.66 -41.77
N GLU B 296 -18.68 14.03 -43.04
CA GLU B 296 -19.21 13.20 -44.13
C GLU B 296 -18.70 11.77 -44.02
N GLN B 297 -17.44 11.61 -43.66
CA GLN B 297 -16.86 10.28 -43.52
C GLN B 297 -17.51 9.62 -42.30
N TYR B 298 -17.69 10.40 -41.25
CA TYR B 298 -18.31 9.87 -40.04
C TYR B 298 -19.70 9.36 -40.42
N GLU B 299 -20.44 10.18 -41.16
CA GLU B 299 -21.78 9.84 -41.58
C GLU B 299 -21.76 8.62 -42.52
N LEU B 300 -20.70 8.52 -43.32
CA LEU B 300 -20.57 7.40 -44.25
C LEU B 300 -20.46 6.10 -43.46
N VAL B 301 -19.55 6.06 -42.49
CA VAL B 301 -19.37 4.86 -41.68
C VAL B 301 -20.72 4.46 -41.15
N TYR B 302 -21.46 5.44 -40.62
CA TYR B 302 -22.77 5.19 -40.06
C TYR B 302 -23.72 4.62 -41.10
N ASN B 303 -23.77 5.22 -42.28
CA ASN B 303 -24.66 4.74 -43.32
C ASN B 303 -24.32 3.35 -43.84
N ALA B 304 -23.03 3.09 -44.02
CA ALA B 304 -22.60 1.78 -44.50
C ALA B 304 -22.96 0.71 -43.48
N VAL B 305 -22.62 0.98 -42.22
CA VAL B 305 -22.92 0.06 -41.11
C VAL B 305 -24.42 -0.19 -41.10
N LEU B 306 -25.18 0.90 -41.07
CA LEU B 306 -26.63 0.83 -41.06
C LEU B 306 -27.10 -0.03 -42.24
N GLU B 307 -26.50 0.20 -43.39
CA GLU B 307 -26.86 -0.55 -44.59
C GLU B 307 -26.58 -2.04 -44.39
N LEU B 308 -25.50 -2.36 -43.69
CA LEU B 308 -25.16 -3.76 -43.45
C LEU B 308 -26.19 -4.42 -42.53
N PHE B 309 -26.55 -3.72 -41.45
CA PHE B 309 -27.53 -4.23 -40.49
C PHE B 309 -28.83 -4.58 -41.22
N LYS B 310 -29.33 -3.66 -42.03
CA LYS B 310 -30.55 -3.91 -42.77
C LYS B 310 -30.39 -5.20 -43.58
N ARG B 311 -29.22 -5.37 -44.18
CA ARG B 311 -28.91 -6.55 -44.98
C ARG B 311 -28.92 -7.84 -44.17
N GLN B 312 -28.92 -7.70 -42.84
CA GLN B 312 -28.91 -8.85 -41.96
C GLN B 312 -30.32 -9.21 -41.50
N MET B 313 -31.16 -8.20 -41.34
CA MET B 313 -32.54 -8.39 -40.92
C MET B 313 -33.32 -9.23 -41.92
N MET C 17 15.48 -1.25 7.97
CA MET C 17 14.59 -0.53 7.02
C MET C 17 13.48 -1.46 6.55
N ALA C 18 13.85 -2.66 6.11
CA ALA C 18 12.87 -3.63 5.67
C ALA C 18 11.93 -3.82 6.85
N SER C 19 10.62 -3.83 6.60
CA SER C 19 9.65 -3.95 7.67
C SER C 19 8.97 -5.31 7.77
N MET C 20 9.13 -5.96 8.91
CA MET C 20 8.49 -7.26 9.15
C MET C 20 7.10 -7.02 9.68
N ASP C 21 6.16 -7.90 9.33
CA ASP C 21 4.79 -7.78 9.80
C ASP C 21 4.68 -8.50 11.15
N GLN C 22 3.66 -8.17 11.95
CA GLN C 22 3.48 -8.79 13.25
C GLN C 22 3.59 -10.31 13.25
N ARG C 23 2.85 -10.94 12.36
CA ARG C 23 2.84 -12.40 12.25
C ARG C 23 4.24 -12.91 11.90
N GLU C 24 4.98 -12.10 11.17
CA GLU C 24 6.33 -12.44 10.74
C GLU C 24 7.22 -12.51 11.97
N ILE C 25 7.10 -11.52 12.85
CA ILE C 25 7.88 -11.47 14.07
C ILE C 25 7.53 -12.68 14.91
N LEU C 26 6.25 -12.81 15.25
CA LEU C 26 5.75 -13.92 16.04
C LEU C 26 6.33 -15.26 15.60
N GLN C 27 6.24 -15.59 14.31
CA GLN C 27 6.80 -16.84 13.81
C GLN C 27 8.28 -16.92 14.20
N LYS C 28 9.01 -15.82 14.03
CA LYS C 28 10.43 -15.80 14.39
C LYS C 28 10.54 -16.15 15.87
N PHE C 29 9.66 -15.58 16.68
CA PHE C 29 9.66 -15.82 18.10
C PHE C 29 9.34 -17.30 18.39
N LEU C 30 8.32 -17.82 17.71
CA LEU C 30 7.91 -19.20 17.91
C LEU C 30 9.00 -20.16 17.47
N ASP C 31 9.60 -19.88 16.33
CA ASP C 31 10.68 -20.71 15.79
C ASP C 31 11.81 -20.76 16.80
N GLU C 32 12.25 -19.59 17.25
CA GLU C 32 13.32 -19.52 18.24
C GLU C 32 12.93 -20.24 19.52
N ALA C 33 11.74 -19.95 20.03
CA ALA C 33 11.25 -20.56 21.26
C ALA C 33 11.43 -22.06 21.26
N GLN C 34 11.40 -22.64 20.07
CA GLN C 34 11.55 -24.08 19.97
C GLN C 34 12.93 -24.53 20.45
N SER C 35 13.98 -24.04 19.79
CA SER C 35 15.34 -24.41 20.16
C SER C 35 15.73 -23.89 21.56
N LYS C 36 15.24 -22.72 21.90
CA LYS C 36 15.52 -22.12 23.21
C LYS C 36 14.95 -23.00 24.31
N LYS C 37 13.95 -23.79 23.96
CA LYS C 37 13.28 -24.71 24.87
C LYS C 37 14.24 -25.87 25.14
N ILE C 38 15.08 -26.17 24.14
CA ILE C 38 16.05 -27.25 24.24
C ILE C 38 17.36 -26.80 24.89
N THR C 39 17.88 -25.65 24.48
CA THR C 39 19.13 -25.12 25.02
C THR C 39 19.24 -25.38 26.52
N LYS C 40 20.42 -25.81 26.94
CA LYS C 40 20.70 -26.10 28.35
C LYS C 40 20.97 -24.84 29.17
N GLU C 41 20.24 -24.72 30.27
CA GLU C 41 20.36 -23.58 31.20
C GLU C 41 20.26 -22.23 30.52
N GLU C 42 19.54 -22.19 29.41
CA GLU C 42 19.35 -20.96 28.65
C GLU C 42 18.58 -19.91 29.46
N PHE C 43 17.67 -20.37 30.31
CA PHE C 43 16.88 -19.46 31.15
C PHE C 43 17.62 -19.00 32.39
N ALA C 44 18.39 -19.90 33.00
CA ALA C 44 19.15 -19.54 34.18
C ALA C 44 20.19 -18.49 33.80
N ASN C 45 20.95 -18.77 32.74
CA ASN C 45 21.99 -17.86 32.28
C ASN C 45 21.39 -16.53 31.90
N GLU C 46 20.24 -16.57 31.25
CA GLU C 46 19.58 -15.34 30.85
C GLU C 46 19.22 -14.57 32.10
N PHE C 47 18.61 -15.27 33.06
CA PHE C 47 18.19 -14.66 34.32
C PHE C 47 19.38 -14.17 35.14
N LEU C 48 20.51 -14.86 34.99
CA LEU C 48 21.72 -14.51 35.71
C LEU C 48 22.15 -13.12 35.25
N LYS C 49 21.98 -12.86 33.95
CA LYS C 49 22.35 -11.56 33.38
C LYS C 49 21.47 -10.44 33.94
N LEU C 50 20.24 -10.77 34.31
CA LEU C 50 19.34 -9.76 34.87
C LEU C 50 19.93 -9.33 36.20
N LYS C 51 20.27 -10.30 37.03
CA LYS C 51 20.86 -10.07 38.35
C LYS C 51 22.13 -9.22 38.25
N ARG C 52 22.98 -9.54 37.27
CA ARG C 52 24.23 -8.83 37.06
C ARG C 52 24.02 -7.34 36.85
N GLN C 53 23.10 -7.01 35.96
CA GLN C 53 22.80 -5.62 35.66
C GLN C 53 22.44 -4.86 36.93
N SER C 54 21.67 -5.51 37.79
CA SER C 54 21.25 -4.91 39.06
C SER C 54 22.44 -4.66 39.97
N THR C 55 23.37 -5.61 40.00
CA THR C 55 24.56 -5.48 40.83
C THR C 55 25.45 -4.36 40.30
N LYS C 56 25.48 -4.18 38.99
CA LYS C 56 26.31 -3.13 38.43
C LYS C 56 25.67 -1.77 38.70
N TYR C 57 24.35 -1.76 38.87
CA TYR C 57 23.64 -0.52 39.16
C TYR C 57 23.78 -0.13 40.63
N LYS C 58 23.98 -1.13 41.47
CA LYS C 58 24.13 -0.89 42.91
C LYS C 58 25.53 -0.34 43.19
N ALA C 59 26.56 -1.06 42.75
CA ALA C 59 27.94 -0.63 42.96
C ALA C 59 28.13 0.79 42.45
N ASP C 60 27.55 1.09 41.30
CA ASP C 60 27.66 2.42 40.71
C ASP C 60 26.60 3.37 41.25
N LYS C 61 25.90 2.92 42.30
CA LYS C 61 24.86 3.71 42.92
C LYS C 61 24.02 4.52 41.92
N THR C 62 23.68 3.90 40.80
CA THR C 62 22.90 4.58 39.77
C THR C 62 21.54 5.12 40.23
N TYR C 63 20.74 4.28 40.86
CA TYR C 63 19.41 4.68 41.35
C TYR C 63 19.36 4.74 42.87
N PRO C 64 19.59 5.93 43.45
CA PRO C 64 19.58 6.15 44.90
C PRO C 64 18.20 5.90 45.51
N THR C 65 18.19 5.48 46.77
CA THR C 65 16.96 5.22 47.51
C THR C 65 17.00 5.98 48.83
N THR C 66 17.51 7.21 48.78
CA THR C 66 17.64 8.03 49.98
C THR C 66 16.35 8.25 50.77
N VAL C 67 15.26 8.56 50.07
CA VAL C 67 14.00 8.80 50.76
C VAL C 67 13.57 7.58 51.58
N ALA C 68 13.55 6.42 50.95
CA ALA C 68 13.13 5.21 51.63
C ALA C 68 13.99 4.87 52.85
N GLU C 69 15.29 5.18 52.78
CA GLU C 69 16.20 4.86 53.87
C GLU C 69 16.20 5.85 55.04
N LYS C 70 15.39 6.90 54.94
CA LYS C 70 15.29 7.89 56.02
C LYS C 70 14.60 7.26 57.22
N PRO C 71 14.97 7.69 58.44
CA PRO C 71 14.38 7.16 59.67
C PRO C 71 12.86 7.18 59.77
N LYS C 72 12.26 8.26 59.29
CA LYS C 72 10.81 8.40 59.36
C LYS C 72 10.07 7.44 58.42
N ASN C 73 10.79 6.89 57.45
CA ASN C 73 10.19 5.97 56.49
C ASN C 73 10.55 4.50 56.67
N ILE C 74 11.64 4.26 57.36
CA ILE C 74 12.11 2.89 57.61
C ILE C 74 10.95 1.97 58.02
N LYS C 75 10.05 2.48 58.84
CA LYS C 75 8.92 1.69 59.31
C LYS C 75 7.87 1.38 58.24
N LYS C 76 7.93 2.09 57.12
CA LYS C 76 6.94 1.88 56.06
C LYS C 76 7.37 0.88 54.99
N ASN C 77 8.55 0.28 55.15
CA ASN C 77 9.04 -0.70 54.20
C ASN C 77 8.90 -2.10 54.78
N ARG C 78 8.09 -2.94 54.12
CA ARG C 78 7.86 -4.31 54.59
C ARG C 78 9.15 -5.15 54.57
N TYR C 79 10.08 -4.79 53.70
CA TYR C 79 11.35 -5.51 53.59
C TYR C 79 12.51 -4.53 53.53
N LYS C 80 13.49 -4.72 54.41
CA LYS C 80 14.65 -3.83 54.45
C LYS C 80 15.45 -3.86 53.15
N ASP C 81 15.19 -4.88 52.32
CA ASP C 81 15.94 -5.03 51.08
C ASP C 81 15.19 -4.64 49.80
N ILE C 82 13.92 -4.32 49.91
CA ILE C 82 13.13 -3.90 48.76
C ILE C 82 12.84 -2.41 48.89
N LEU C 83 13.78 -1.58 48.42
CA LEU C 83 13.63 -0.13 48.51
C LEU C 83 13.39 0.53 47.17
N PRO C 84 12.40 1.42 47.10
CA PRO C 84 12.04 2.13 45.87
C PRO C 84 13.05 3.18 45.41
N TYR C 85 13.34 3.20 44.12
CA TYR C 85 14.26 4.19 43.58
C TYR C 85 13.66 5.58 43.84
N ASP C 86 14.50 6.56 44.14
CA ASP C 86 14.01 7.91 44.39
C ASP C 86 13.37 8.53 43.14
N TYR C 87 14.04 8.38 42.01
CA TYR C 87 13.57 8.96 40.77
C TYR C 87 12.24 8.47 40.21
N SER C 88 11.82 7.27 40.58
CA SER C 88 10.55 6.75 40.06
C SER C 88 9.50 6.44 41.11
N ARG C 89 9.80 6.75 42.36
CA ARG C 89 8.87 6.47 43.45
C ARG C 89 7.56 7.24 43.29
N VAL C 90 6.49 6.71 43.88
CA VAL C 90 5.19 7.37 43.83
C VAL C 90 5.15 8.34 45.01
N GLU C 91 5.01 9.62 44.69
CA GLU C 91 4.97 10.65 45.70
C GLU C 91 3.54 10.95 46.10
N LEU C 92 3.31 11.01 47.41
CA LEU C 92 1.98 11.29 47.95
C LEU C 92 1.87 12.73 48.40
N SER C 93 0.98 13.49 47.78
CA SER C 93 0.78 14.89 48.13
C SER C 93 -0.50 15.07 48.93
N LEU C 94 -1.51 14.26 48.65
CA LEU C 94 -2.77 14.35 49.37
C LEU C 94 -2.55 14.37 50.89
N ILE C 95 -2.96 15.48 51.51
CA ILE C 95 -2.79 15.66 52.94
C ILE C 95 -4.11 15.45 53.69
N THR C 96 -4.02 14.76 54.83
CA THR C 96 -5.19 14.48 55.65
C THR C 96 -4.86 14.73 57.13
N SER C 97 -3.78 14.12 57.61
CA SER C 97 -3.36 14.30 58.99
C SER C 97 -2.04 15.02 58.98
N ASP C 98 -1.77 15.83 60.00
CA ASP C 98 -0.52 16.56 60.06
C ASP C 98 0.63 15.60 60.36
N GLU C 99 0.49 14.37 59.89
CA GLU C 99 1.51 13.33 60.06
C GLU C 99 1.77 12.60 58.76
N ASP C 100 1.14 13.05 57.68
CA ASP C 100 1.34 12.42 56.38
C ASP C 100 2.64 12.82 55.71
N SER C 101 3.46 11.83 55.39
CA SER C 101 4.70 12.09 54.69
C SER C 101 4.33 11.81 53.23
N SER C 102 5.24 12.10 52.31
CA SER C 102 4.97 11.89 50.89
C SER C 102 5.45 10.51 50.45
N TYR C 103 5.97 9.75 51.41
CA TYR C 103 6.52 8.44 51.12
C TYR C 103 5.67 7.18 51.23
N ILE C 104 5.91 6.29 50.29
CA ILE C 104 5.27 4.98 50.24
C ILE C 104 6.22 4.09 49.43
N ASN C 105 6.14 2.79 49.64
CA ASN C 105 7.03 1.89 48.93
C ASN C 105 6.36 1.44 47.64
N ALA C 106 6.54 2.24 46.60
CA ALA C 106 5.95 1.95 45.30
C ALA C 106 6.64 2.79 44.22
N ASN C 107 6.68 2.25 43.00
CA ASN C 107 7.30 2.96 41.89
C ASN C 107 6.39 2.95 40.68
N PHE C 108 6.59 3.93 39.81
CA PHE C 108 5.80 4.00 38.59
C PHE C 108 6.53 3.16 37.55
N ILE C 109 5.79 2.32 36.84
CA ILE C 109 6.36 1.48 35.79
C ILE C 109 5.76 1.96 34.50
N LYS C 110 6.62 2.28 33.53
CA LYS C 110 6.15 2.78 32.26
C LYS C 110 5.39 1.73 31.46
N GLY C 111 4.41 2.20 30.70
CA GLY C 111 3.61 1.32 29.86
C GLY C 111 4.14 1.31 28.44
N VAL C 112 3.37 0.77 27.51
CA VAL C 112 3.82 0.70 26.13
C VAL C 112 3.77 2.03 25.40
N TYR C 113 2.83 2.90 25.77
CA TYR C 113 2.70 4.20 25.12
C TYR C 113 3.20 5.37 25.96
N GLY C 114 3.48 5.13 27.24
CA GLY C 114 3.96 6.22 28.07
C GLY C 114 4.19 5.89 29.52
N PRO C 115 4.48 6.90 30.35
CA PRO C 115 4.74 6.67 31.78
C PRO C 115 3.50 6.51 32.67
N LYS C 116 3.73 5.94 33.86
CA LYS C 116 2.67 5.72 34.84
C LYS C 116 1.56 4.75 34.43
N ALA C 117 1.90 3.70 33.70
CA ALA C 117 0.88 2.74 33.31
C ALA C 117 0.58 1.82 34.49
N TYR C 118 1.57 1.61 35.35
CA TYR C 118 1.42 0.74 36.51
C TYR C 118 2.10 1.28 37.76
N ILE C 119 1.49 0.99 38.91
CA ILE C 119 2.06 1.37 40.18
C ILE C 119 2.39 0.05 40.84
N ALA C 120 3.67 -0.28 40.91
CA ALA C 120 4.09 -1.52 41.56
C ALA C 120 4.41 -1.13 43.00
N THR C 121 3.65 -1.67 43.94
CA THR C 121 3.82 -1.36 45.36
C THR C 121 3.73 -2.62 46.25
N GLN C 122 4.29 -2.54 47.46
CA GLN C 122 4.29 -3.65 48.41
C GLN C 122 2.94 -3.87 49.07
N GLY C 123 2.75 -5.06 49.64
CA GLY C 123 1.52 -5.34 50.33
C GLY C 123 1.53 -4.38 51.50
N PRO C 124 0.51 -3.51 51.65
CA PRO C 124 0.48 -2.55 52.76
C PRO C 124 0.55 -3.16 54.14
N LEU C 125 1.09 -2.37 55.08
CA LEU C 125 1.26 -2.74 56.46
C LEU C 125 0.22 -2.01 57.29
N SER C 126 -0.06 -2.53 58.49
CA SER C 126 -1.03 -1.89 59.36
C SER C 126 -0.84 -0.38 59.37
N THR C 127 0.42 0.05 59.38
CA THR C 127 0.73 1.47 59.43
C THR C 127 1.03 2.15 58.09
N THR C 128 0.48 1.63 57.00
CA THR C 128 0.66 2.24 55.69
C THR C 128 -0.66 2.13 54.92
N LEU C 129 -1.69 1.63 55.60
CA LEU C 129 -3.01 1.47 55.01
C LEU C 129 -3.58 2.82 54.60
N LEU C 130 -3.36 3.83 55.43
CA LEU C 130 -3.84 5.16 55.09
C LEU C 130 -3.01 5.63 53.89
N ASP C 131 -1.70 5.44 53.96
CA ASP C 131 -0.83 5.85 52.87
C ASP C 131 -1.27 5.15 51.60
N PHE C 132 -1.66 3.89 51.72
CA PHE C 132 -2.08 3.14 50.55
C PHE C 132 -3.28 3.85 49.90
N TRP C 133 -4.36 4.07 50.66
CA TRP C 133 -5.53 4.71 50.08
C TRP C 133 -5.25 6.13 49.58
N ARG C 134 -4.37 6.87 50.26
CA ARG C 134 -4.04 8.22 49.82
C ARG C 134 -3.51 8.13 48.39
N MET C 135 -2.83 7.03 48.09
CA MET C 135 -2.28 6.85 46.76
C MET C 135 -3.35 6.55 45.72
N ILE C 136 -4.09 5.46 45.95
CA ILE C 136 -5.16 5.07 45.04
C ILE C 136 -6.06 6.25 44.69
N TRP C 137 -6.31 7.08 45.69
CA TRP C 137 -7.17 8.23 45.50
C TRP C 137 -6.52 9.37 44.73
N GLU C 138 -5.34 9.79 45.16
CA GLU C 138 -4.62 10.87 44.49
C GLU C 138 -4.44 10.63 43.00
N TYR C 139 -4.06 9.40 42.64
CA TYR C 139 -3.82 9.07 41.25
C TYR C 139 -5.00 8.45 40.54
N SER C 140 -6.19 8.65 41.09
CA SER C 140 -7.42 8.13 40.51
C SER C 140 -7.25 6.73 39.96
N VAL C 141 -6.94 5.79 40.84
CA VAL C 141 -6.77 4.41 40.42
C VAL C 141 -8.14 3.73 40.42
N LEU C 142 -8.41 2.95 39.38
CA LEU C 142 -9.67 2.23 39.24
C LEU C 142 -9.49 0.76 39.56
N ILE C 143 -8.36 0.21 39.13
CA ILE C 143 -8.08 -1.19 39.33
C ILE C 143 -6.92 -1.48 40.27
N ILE C 144 -7.13 -2.41 41.19
CA ILE C 144 -6.08 -2.84 42.09
C ILE C 144 -5.96 -4.34 41.89
N VAL C 145 -4.74 -4.82 41.68
CA VAL C 145 -4.49 -6.25 41.51
C VAL C 145 -3.58 -6.73 42.62
N MET C 146 -4.14 -7.47 43.57
CA MET C 146 -3.36 -8.03 44.67
C MET C 146 -3.01 -9.45 44.28
N ALA C 147 -1.72 -9.68 44.02
CA ALA C 147 -1.22 -10.98 43.58
C ALA C 147 -0.55 -11.82 44.65
N CYS C 148 -1.24 -12.02 45.77
CA CYS C 148 -0.70 -12.85 46.85
C CYS C 148 -1.80 -13.15 47.85
N MET C 149 -1.45 -13.92 48.88
CA MET C 149 -2.40 -14.26 49.94
C MET C 149 -1.99 -13.50 51.18
N GLU C 150 -2.94 -13.26 52.08
CA GLU C 150 -2.63 -12.54 53.31
C GLU C 150 -1.62 -13.36 54.11
N TYR C 151 -1.73 -14.68 54.02
CA TYR C 151 -0.84 -15.60 54.73
C TYR C 151 -0.03 -16.52 53.83
N GLU C 152 1.29 -16.41 53.91
CA GLU C 152 2.16 -17.26 53.10
C GLU C 152 3.36 -17.63 53.96
N MET C 153 3.88 -18.84 53.74
CA MET C 153 5.03 -19.33 54.48
C MET C 153 4.84 -19.22 55.99
N GLY C 154 3.65 -19.55 56.46
CA GLY C 154 3.35 -19.52 57.87
C GLY C 154 3.06 -18.18 58.53
N LYS C 155 3.45 -17.08 57.89
CA LYS C 155 3.20 -15.77 58.48
C LYS C 155 2.43 -14.79 57.59
N LYS C 156 2.15 -13.60 58.13
CA LYS C 156 1.42 -12.56 57.41
C LYS C 156 2.25 -12.01 56.26
N LYS C 157 1.58 -11.64 55.17
CA LYS C 157 2.26 -11.12 54.00
C LYS C 157 1.67 -9.81 53.51
N CYS C 158 0.45 -9.50 53.96
CA CYS C 158 -0.24 -8.28 53.58
C CYS C 158 -1.33 -7.97 54.60
N GLU C 159 -1.51 -6.69 54.93
CA GLU C 159 -2.52 -6.27 55.88
C GLU C 159 -3.83 -6.10 55.12
N ARG C 160 -4.93 -6.09 55.85
CA ARG C 160 -6.25 -5.92 55.25
C ARG C 160 -6.46 -4.46 54.87
N TYR C 161 -6.68 -4.19 53.58
CA TYR C 161 -6.90 -2.81 53.15
C TYR C 161 -8.22 -2.65 52.42
N TRP C 162 -8.85 -3.77 52.08
CA TRP C 162 -10.12 -3.77 51.38
C TRP C 162 -11.23 -4.17 52.36
N ALA C 163 -12.46 -4.27 51.85
CA ALA C 163 -13.59 -4.64 52.66
C ALA C 163 -14.30 -5.82 52.03
N GLU C 164 -14.99 -6.60 52.86
CA GLU C 164 -15.69 -7.78 52.37
C GLU C 164 -17.17 -7.71 52.72
N PRO C 165 -18.01 -8.43 51.95
CA PRO C 165 -19.48 -8.45 52.14
C PRO C 165 -19.95 -8.53 53.59
N GLY C 166 -21.03 -7.80 53.88
CA GLY C 166 -21.65 -7.75 55.20
C GLY C 166 -20.76 -7.23 56.31
N GLU C 167 -19.71 -6.61 55.91
CA GLU C 167 -18.72 -6.14 56.87
C GLU C 167 -18.73 -4.64 57.13
N MET C 168 -19.85 -3.98 56.85
CA MET C 168 -19.94 -2.55 57.09
C MET C 168 -18.84 -1.81 56.33
N GLN C 169 -18.13 -0.91 57.01
CA GLN C 169 -17.07 -0.16 56.34
C GLN C 169 -15.85 0.07 57.21
N LEU C 170 -14.88 -0.50 56.76
CA LEU C 170 -13.61 -0.26 57.44
C LEU C 170 -13.26 1.18 57.25
N GLU C 171 -12.33 1.68 58.05
CA GLU C 171 -11.93 3.07 57.91
C GLU C 171 -10.44 3.23 58.06
N PHE C 172 -9.87 3.98 57.14
CA PHE C 172 -8.45 4.25 57.11
C PHE C 172 -8.35 5.76 57.07
N GLY C 173 -7.96 6.34 58.20
CA GLY C 173 -7.87 7.78 58.29
C GLY C 173 -9.20 8.37 57.85
N PRO C 174 -9.18 9.34 56.94
CA PRO C 174 -10.42 9.97 56.44
C PRO C 174 -11.06 9.16 55.31
N PHE C 175 -10.57 7.95 55.09
CA PHE C 175 -11.11 7.11 54.02
C PHE C 175 -12.03 6.03 54.58
N SER C 176 -13.12 5.77 53.87
CA SER C 176 -14.08 4.75 54.28
C SER C 176 -14.28 3.78 53.13
N VAL C 177 -14.09 2.49 53.39
CA VAL C 177 -14.23 1.48 52.36
C VAL C 177 -15.28 0.43 52.71
N SER C 178 -16.12 0.11 51.72
CA SER C 178 -17.16 -0.91 51.90
C SER C 178 -17.15 -1.78 50.66
N CYS C 179 -17.74 -2.97 50.75
CA CYS C 179 -17.78 -3.85 49.60
C CYS C 179 -19.21 -4.03 49.10
N GLU C 180 -19.49 -3.47 47.93
CA GLU C 180 -20.82 -3.58 47.33
C GLU C 180 -21.08 -5.03 46.97
N ALA C 181 -20.24 -5.56 46.10
CA ALA C 181 -20.36 -6.95 45.65
C ALA C 181 -18.99 -7.59 45.60
N GLU C 182 -18.98 -8.91 45.50
CA GLU C 182 -17.74 -9.67 45.48
C GLU C 182 -17.91 -10.85 44.53
N LYS C 183 -17.61 -10.63 43.26
CA LYS C 183 -17.73 -11.67 42.25
C LYS C 183 -16.57 -12.65 42.39
N ARG C 184 -16.90 -13.90 42.72
CA ARG C 184 -15.87 -14.92 42.87
C ARG C 184 -15.70 -15.73 41.60
N LYS C 185 -14.46 -15.81 41.13
CA LYS C 185 -14.12 -16.57 39.94
C LYS C 185 -13.26 -17.77 40.33
N SER C 186 -12.88 -18.57 39.34
CA SER C 186 -12.08 -19.76 39.60
C SER C 186 -10.81 -19.51 40.43
N ASP C 187 -9.87 -18.72 39.91
CA ASP C 187 -8.63 -18.46 40.62
C ASP C 187 -8.52 -17.13 41.34
N TYR C 188 -9.55 -16.28 41.25
CA TYR C 188 -9.48 -14.99 41.92
C TYR C 188 -10.84 -14.36 42.14
N ILE C 189 -10.85 -13.28 42.92
CA ILE C 189 -12.09 -12.59 43.24
C ILE C 189 -12.10 -11.13 42.84
N ILE C 190 -13.23 -10.69 42.28
CA ILE C 190 -13.37 -9.30 41.89
C ILE C 190 -14.23 -8.60 42.93
N ARG C 191 -13.58 -7.85 43.80
CA ARG C 191 -14.30 -7.12 44.82
C ARG C 191 -14.63 -5.76 44.25
N THR C 192 -15.87 -5.34 44.43
CA THR C 192 -16.34 -4.05 43.95
C THR C 192 -16.38 -3.15 45.16
N LEU C 193 -15.35 -2.33 45.33
CA LEU C 193 -15.26 -1.44 46.48
C LEU C 193 -15.87 -0.06 46.33
N LYS C 194 -16.34 0.47 47.46
CA LYS C 194 -16.94 1.79 47.53
C LYS C 194 -16.07 2.61 48.50
N VAL C 195 -15.27 3.53 47.96
CA VAL C 195 -14.40 4.33 48.80
C VAL C 195 -14.83 5.79 48.89
N LYS C 196 -15.14 6.22 50.12
CA LYS C 196 -15.58 7.58 50.36
C LYS C 196 -14.57 8.43 51.10
N PHE C 197 -14.27 9.59 50.51
CA PHE C 197 -13.35 10.56 51.08
C PHE C 197 -13.99 11.94 50.88
N ASN C 198 -14.13 12.67 51.98
CA ASN C 198 -14.72 14.01 51.97
C ASN C 198 -15.90 14.17 51.01
N SER C 199 -16.99 13.47 51.32
CA SER C 199 -18.23 13.56 50.56
C SER C 199 -18.25 12.97 49.15
N GLU C 200 -17.08 12.60 48.62
CA GLU C 200 -17.02 12.02 47.29
C GLU C 200 -16.97 10.50 47.36
N THR C 201 -17.57 9.84 46.37
CA THR C 201 -17.57 8.39 46.33
C THR C 201 -17.09 7.86 44.99
N ARG C 202 -16.09 6.99 45.06
CA ARG C 202 -15.53 6.36 43.88
C ARG C 202 -15.68 4.85 43.97
N THR C 203 -15.56 4.19 42.83
CA THR C 203 -15.64 2.74 42.75
C THR C 203 -14.25 2.22 42.38
N ILE C 204 -13.75 1.25 43.15
CA ILE C 204 -12.45 0.65 42.92
C ILE C 204 -12.70 -0.82 42.65
N TYR C 205 -11.88 -1.44 41.81
CA TYR C 205 -12.04 -2.86 41.52
C TYR C 205 -10.77 -3.61 41.88
N GLN C 206 -10.84 -4.39 42.96
CA GLN C 206 -9.69 -5.16 43.41
C GLN C 206 -9.77 -6.58 42.88
N PHE C 207 -8.68 -7.00 42.26
CA PHE C 207 -8.57 -8.34 41.72
C PHE C 207 -7.65 -9.11 42.65
N HIS C 208 -8.21 -10.06 43.38
CA HIS C 208 -7.43 -10.85 44.33
C HIS C 208 -7.10 -12.24 43.78
N TYR C 209 -5.87 -12.41 43.33
CA TYR C 209 -5.38 -13.67 42.77
C TYR C 209 -4.65 -14.37 43.90
N LYS C 210 -5.17 -15.51 44.35
CA LYS C 210 -4.55 -16.24 45.44
C LYS C 210 -3.65 -17.41 45.01
N ASN C 211 -3.88 -17.94 43.80
CA ASN C 211 -3.07 -19.04 43.29
C ASN C 211 -2.01 -18.47 42.37
N TRP C 212 -1.04 -19.31 42.01
CA TRP C 212 0.01 -18.90 41.10
C TRP C 212 0.29 -20.03 40.12
N PRO C 213 0.44 -19.71 38.83
CA PRO C 213 0.70 -20.68 37.75
C PRO C 213 1.81 -21.67 38.06
N ASP C 214 1.60 -22.93 37.68
CA ASP C 214 2.61 -23.94 37.92
C ASP C 214 3.69 -23.77 36.86
N HIS C 215 4.76 -23.09 37.26
CA HIS C 215 5.89 -22.83 36.39
C HIS C 215 5.95 -23.74 35.17
N ASP C 216 6.29 -25.01 35.39
CA ASP C 216 6.41 -25.96 34.29
C ASP C 216 5.12 -26.39 33.61
N VAL C 217 4.01 -26.44 34.33
CA VAL C 217 2.75 -26.85 33.72
C VAL C 217 2.17 -25.75 32.84
N PRO C 218 2.21 -25.94 31.51
CA PRO C 218 1.70 -24.98 30.53
C PRO C 218 0.22 -24.66 30.71
N SER C 219 -0.56 -25.67 31.05
CA SER C 219 -2.00 -25.50 31.22
C SER C 219 -2.38 -24.60 32.39
N SER C 220 -1.53 -24.56 33.40
CA SER C 220 -1.79 -23.75 34.59
C SER C 220 -1.49 -22.27 34.45
N ILE C 221 -1.16 -21.80 33.26
CA ILE C 221 -0.86 -20.39 33.09
C ILE C 221 -2.12 -19.65 32.66
N ASP C 222 -3.10 -20.40 32.16
CA ASP C 222 -4.34 -19.82 31.71
C ASP C 222 -4.98 -18.78 32.63
N PRO C 223 -5.17 -19.11 33.92
CA PRO C 223 -5.77 -18.18 34.88
C PRO C 223 -5.12 -16.80 34.96
N ILE C 224 -3.80 -16.77 34.94
CA ILE C 224 -3.08 -15.49 35.02
C ILE C 224 -3.45 -14.70 33.76
N LEU C 225 -3.62 -15.40 32.65
CA LEU C 225 -4.02 -14.74 31.40
C LEU C 225 -5.45 -14.28 31.59
N GLU C 226 -6.28 -15.16 32.15
CA GLU C 226 -7.67 -14.83 32.40
C GLU C 226 -7.73 -13.54 33.23
N LEU C 227 -6.85 -13.44 34.21
CA LEU C 227 -6.79 -12.27 35.10
C LEU C 227 -6.49 -10.97 34.35
N ILE C 228 -5.41 -10.96 33.58
CA ILE C 228 -5.03 -9.79 32.83
C ILE C 228 -6.07 -9.46 31.75
N TRP C 229 -6.92 -10.42 31.43
CA TRP C 229 -7.96 -10.21 30.43
C TRP C 229 -9.14 -9.47 31.06
N ASP C 230 -9.60 -9.95 32.22
CA ASP C 230 -10.70 -9.29 32.90
C ASP C 230 -10.29 -7.87 33.25
N VAL C 231 -9.10 -7.74 33.84
CA VAL C 231 -8.58 -6.43 34.19
C VAL C 231 -8.72 -5.50 32.99
N ARG C 232 -8.29 -5.97 31.82
CA ARG C 232 -8.39 -5.17 30.61
C ARG C 232 -9.80 -5.06 30.05
N CYS C 233 -10.76 -5.69 30.71
CA CYS C 233 -12.16 -5.57 30.30
C CYS C 233 -12.70 -4.37 31.06
N TYR C 234 -12.12 -4.10 32.22
CA TYR C 234 -12.54 -2.97 33.04
C TYR C 234 -11.83 -1.67 32.64
N GLN C 235 -10.54 -1.77 32.28
CA GLN C 235 -9.78 -0.59 31.85
C GLN C 235 -8.89 -0.89 30.65
N GLU C 236 -9.45 -0.75 29.45
CA GLU C 236 -8.72 -1.02 28.22
C GLU C 236 -7.49 -0.13 28.00
N ASP C 237 -7.63 1.14 28.35
CA ASP C 237 -6.56 2.11 28.14
C ASP C 237 -5.53 2.22 29.27
N ASP C 238 -4.86 3.38 29.29
CA ASP C 238 -3.84 3.67 30.28
C ASP C 238 -4.01 5.08 30.85
N SER C 239 -5.24 5.58 30.84
CA SER C 239 -5.52 6.92 31.36
C SER C 239 -4.96 7.04 32.78
N VAL C 240 -5.34 6.10 33.64
CA VAL C 240 -4.83 6.12 35.01
C VAL C 240 -3.96 4.91 35.27
N PRO C 241 -3.04 5.02 36.23
CA PRO C 241 -2.14 3.93 36.56
C PRO C 241 -2.93 2.76 37.10
N ILE C 242 -2.45 1.55 36.84
CA ILE C 242 -3.10 0.38 37.39
C ILE C 242 -2.20 -0.08 38.52
N CYS C 243 -2.75 -0.14 39.72
CA CYS C 243 -1.99 -0.55 40.89
C CYS C 243 -1.92 -2.07 41.00
N ILE C 244 -0.70 -2.59 40.99
CA ILE C 244 -0.43 -4.01 41.10
C ILE C 244 0.50 -4.23 42.30
N HIS C 245 0.17 -5.20 43.14
CA HIS C 245 1.00 -5.47 44.31
C HIS C 245 0.98 -6.93 44.71
N SER C 246 1.87 -7.25 45.64
CA SER C 246 2.02 -8.60 46.16
C SER C 246 2.52 -8.39 47.59
N SER C 247 3.49 -9.17 48.05
CA SER C 247 3.99 -8.92 49.40
C SER C 247 5.02 -7.80 49.30
N ALA C 248 6.10 -8.05 48.54
CA ALA C 248 7.15 -7.05 48.35
C ALA C 248 6.88 -6.14 47.15
N GLY C 249 6.06 -6.61 46.23
CA GLY C 249 5.74 -5.82 45.05
C GLY C 249 6.86 -5.87 44.01
N CYS C 250 7.51 -7.02 43.88
CA CYS C 250 8.60 -7.18 42.92
C CYS C 250 8.46 -8.45 42.09
N GLY C 251 8.41 -9.59 42.77
CA GLY C 251 8.30 -10.86 42.06
C GLY C 251 7.04 -11.00 41.23
N ARG C 252 5.95 -11.38 41.88
CA ARG C 252 4.68 -11.55 41.19
C ARG C 252 4.20 -10.27 40.55
N THR C 253 4.61 -9.14 41.11
CA THR C 253 4.23 -7.85 40.55
C THR C 253 4.94 -7.72 39.20
N GLY C 254 6.22 -8.02 39.16
CA GLY C 254 6.96 -7.92 37.91
C GLY C 254 6.33 -8.84 36.86
N VAL C 255 5.94 -10.03 37.27
CA VAL C 255 5.35 -11.00 36.37
C VAL C 255 4.13 -10.49 35.62
N ILE C 256 3.15 -9.99 36.35
CA ILE C 256 1.93 -9.49 35.73
C ILE C 256 2.11 -8.25 34.87
N CYS C 257 2.89 -7.28 35.33
CA CYS C 257 3.16 -6.05 34.57
C CYS C 257 3.78 -6.41 33.22
N ALA C 258 4.83 -7.22 33.26
CA ALA C 258 5.54 -7.64 32.05
C ALA C 258 4.62 -8.37 31.08
N ILE C 259 3.84 -9.32 31.57
CA ILE C 259 2.93 -10.05 30.70
C ILE C 259 1.85 -9.12 30.15
N ASP C 260 1.37 -8.22 31.00
CA ASP C 260 0.35 -7.27 30.58
C ASP C 260 0.91 -6.37 29.47
N TYR C 261 2.13 -5.89 29.70
CA TYR C 261 2.83 -5.02 28.77
C TYR C 261 2.93 -5.70 27.39
N THR C 262 3.36 -6.95 27.39
CA THR C 262 3.49 -7.71 26.15
C THR C 262 2.11 -7.88 25.50
N TRP C 263 1.13 -8.27 26.32
CA TRP C 263 -0.24 -8.46 25.88
C TRP C 263 -0.70 -7.20 25.14
N MET C 264 -0.35 -6.04 25.68
CA MET C 264 -0.73 -4.76 25.09
C MET C 264 -0.14 -4.57 23.70
N LEU C 265 1.16 -4.83 23.55
CA LEU C 265 1.82 -4.67 22.24
C LEU C 265 1.16 -5.59 21.23
N LEU C 266 0.88 -6.83 21.65
CA LEU C 266 0.25 -7.82 20.78
C LEU C 266 -1.12 -7.30 20.29
N LYS C 267 -1.97 -6.90 21.23
CA LYS C 267 -3.30 -6.38 20.93
C LYS C 267 -3.34 -5.19 19.98
N ASP C 268 -2.27 -4.41 19.92
CA ASP C 268 -2.24 -3.26 19.05
C ASP C 268 -1.26 -3.37 17.90
N GLY C 269 -0.92 -4.60 17.54
CA GLY C 269 0.01 -4.83 16.45
C GLY C 269 1.26 -3.97 16.49
N ILE C 270 1.98 -4.02 17.60
CA ILE C 270 3.20 -3.23 17.73
C ILE C 270 4.34 -3.94 18.48
N ILE C 271 4.47 -5.24 18.26
CA ILE C 271 5.55 -6.02 18.85
C ILE C 271 6.76 -5.67 18.00
N PRO C 272 7.87 -5.25 18.62
CA PRO C 272 9.08 -4.89 17.86
C PRO C 272 9.77 -6.07 17.21
N GLU C 273 10.50 -5.82 16.12
CA GLU C 273 11.20 -6.89 15.43
C GLU C 273 12.22 -7.54 16.35
N ASN C 274 12.77 -6.75 17.27
CA ASN C 274 13.77 -7.22 18.21
C ASN C 274 13.20 -7.47 19.60
N PHE C 275 11.90 -7.80 19.67
CA PHE C 275 11.26 -8.04 20.95
C PHE C 275 11.87 -9.22 21.68
N SER C 276 12.11 -9.02 22.96
CA SER C 276 12.65 -10.06 23.82
C SER C 276 12.10 -9.86 25.22
N VAL C 277 11.60 -10.92 25.81
CA VAL C 277 11.08 -10.85 27.15
C VAL C 277 12.18 -10.36 28.07
N PHE C 278 13.41 -10.84 27.84
CA PHE C 278 14.56 -10.43 28.64
C PHE C 278 14.69 -8.89 28.65
N SER C 279 14.69 -8.30 27.46
CA SER C 279 14.82 -6.85 27.37
C SER C 279 13.63 -6.14 27.98
N LEU C 280 12.45 -6.73 27.88
CA LEU C 280 11.29 -6.10 28.48
C LEU C 280 11.49 -6.06 29.98
N ILE C 281 12.04 -7.12 30.56
CA ILE C 281 12.23 -7.15 31.99
C ILE C 281 13.38 -6.24 32.41
N ARG C 282 14.44 -6.22 31.61
CA ARG C 282 15.61 -5.41 31.89
C ARG C 282 15.17 -3.96 32.07
N GLU C 283 14.28 -3.53 31.18
CA GLU C 283 13.79 -2.16 31.21
C GLU C 283 12.91 -1.82 32.42
N MET C 284 12.06 -2.76 32.83
CA MET C 284 11.20 -2.47 33.97
C MET C 284 12.04 -2.43 35.24
N ARG C 285 13.08 -3.26 35.24
CA ARG C 285 14.00 -3.42 36.35
C ARG C 285 14.78 -2.16 36.70
N THR C 286 14.72 -1.16 35.83
CA THR C 286 15.39 0.12 36.06
C THR C 286 14.41 1.07 36.71
N GLN C 287 13.16 0.63 36.81
CA GLN C 287 12.09 1.46 37.37
C GLN C 287 11.57 0.94 38.69
N ARG C 288 11.77 -0.34 38.94
CA ARG C 288 11.35 -0.97 40.18
C ARG C 288 12.38 -2.04 40.42
N PRO C 289 13.06 -1.99 41.58
CA PRO C 289 14.09 -2.99 41.90
C PRO C 289 13.49 -4.39 42.01
N SER C 290 14.27 -5.39 41.59
CA SER C 290 13.86 -6.79 41.67
C SER C 290 12.55 -7.17 40.99
N LEU C 291 12.15 -6.44 39.96
CA LEU C 291 10.91 -6.77 39.25
C LEU C 291 11.18 -8.12 38.59
N VAL C 292 10.42 -9.14 39.02
CA VAL C 292 10.58 -10.53 38.56
C VAL C 292 11.76 -10.99 39.42
N GLN C 293 11.43 -11.67 40.50
CA GLN C 293 12.39 -12.12 41.50
C GLN C 293 13.15 -13.40 41.25
N THR C 294 12.51 -14.41 40.69
CA THR C 294 13.19 -15.69 40.48
C THR C 294 13.23 -16.17 39.04
N GLN C 295 14.16 -17.08 38.78
CA GLN C 295 14.34 -17.65 37.46
C GLN C 295 13.01 -18.23 36.95
N GLU C 296 12.24 -18.79 37.86
CA GLU C 296 10.95 -19.37 37.51
C GLU C 296 9.96 -18.32 37.08
N GLN C 297 9.92 -17.20 37.81
CA GLN C 297 9.00 -16.13 37.44
C GLN C 297 9.43 -15.64 36.07
N TYR C 298 10.73 -15.66 35.82
CA TYR C 298 11.25 -15.25 34.53
C TYR C 298 10.67 -16.18 33.47
N GLU C 299 10.84 -17.47 33.68
CA GLU C 299 10.32 -18.46 32.74
C GLU C 299 8.82 -18.34 32.54
N LEU C 300 8.10 -18.01 33.61
CA LEU C 300 6.65 -17.86 33.50
C LEU C 300 6.28 -16.75 32.53
N VAL C 301 6.93 -15.59 32.67
CA VAL C 301 6.66 -14.48 31.78
C VAL C 301 6.86 -14.98 30.36
N TYR C 302 7.95 -15.70 30.16
CA TYR C 302 8.28 -16.21 28.85
C TYR C 302 7.24 -17.19 28.29
N ASN C 303 6.90 -18.20 29.07
CA ASN C 303 5.92 -19.19 28.64
C ASN C 303 4.54 -18.60 28.41
N ALA C 304 4.17 -17.60 29.20
CA ALA C 304 2.89 -16.94 29.05
C ALA C 304 2.87 -16.13 27.74
N VAL C 305 3.94 -15.40 27.49
CA VAL C 305 4.04 -14.61 26.28
C VAL C 305 3.92 -15.57 25.10
N LEU C 306 4.72 -16.64 25.13
CA LEU C 306 4.70 -17.63 24.06
C LEU C 306 3.28 -18.17 23.86
N GLU C 307 2.61 -18.49 24.96
CA GLU C 307 1.26 -19.00 24.88
C GLU C 307 0.38 -17.98 24.18
N LEU C 308 0.66 -16.70 24.41
CA LEU C 308 -0.11 -15.63 23.77
C LEU C 308 0.16 -15.53 22.26
N PHE C 309 1.43 -15.58 21.88
CA PHE C 309 1.80 -15.48 20.48
C PHE C 309 1.18 -16.57 19.64
N LYS C 310 1.18 -17.79 20.18
CA LYS C 310 0.60 -18.93 19.48
C LYS C 310 -0.89 -18.69 19.25
N ARG C 311 -1.57 -18.22 20.29
CA ARG C 311 -2.99 -17.95 20.21
C ARG C 311 -3.31 -16.92 19.15
N GLN C 312 -2.29 -16.18 18.71
CA GLN C 312 -2.47 -15.16 17.68
C GLN C 312 -2.39 -15.82 16.31
N MET C 313 -1.54 -16.83 16.20
CA MET C 313 -1.36 -17.54 14.93
C MET C 313 -2.64 -18.28 14.52
N MET D 17 -3.36 18.37 47.21
CA MET D 17 -3.24 19.43 48.25
C MET D 17 -1.83 19.99 48.34
N ALA D 18 -0.88 19.18 48.81
CA ALA D 18 0.50 19.63 48.94
C ALA D 18 1.02 20.06 47.56
N SER D 19 1.98 20.97 47.54
CA SER D 19 2.53 21.45 46.27
C SER D 19 4.02 21.75 46.36
N MET D 20 4.74 21.51 45.28
CA MET D 20 6.18 21.76 45.25
C MET D 20 6.54 23.14 44.69
N ASP D 21 7.62 23.72 45.20
CA ASP D 21 8.08 25.02 44.74
C ASP D 21 8.95 24.83 43.51
N GLN D 22 8.95 25.83 42.63
CA GLN D 22 9.71 25.77 41.38
C GLN D 22 11.12 25.18 41.46
N ARG D 23 11.94 25.70 42.36
CA ARG D 23 13.31 25.21 42.51
C ARG D 23 13.29 23.72 42.82
N GLU D 24 12.39 23.33 43.71
CA GLU D 24 12.25 21.95 44.12
C GLU D 24 11.94 21.02 42.94
N ILE D 25 10.95 21.41 42.14
CA ILE D 25 10.55 20.63 40.97
C ILE D 25 11.72 20.48 40.00
N LEU D 26 12.55 21.51 39.90
CA LEU D 26 13.70 21.48 39.01
C LEU D 26 14.82 20.60 39.57
N GLN D 27 14.98 20.59 40.88
CA GLN D 27 16.03 19.77 41.49
C GLN D 27 15.70 18.30 41.30
N LYS D 28 14.41 17.98 41.34
CA LYS D 28 13.94 16.62 41.15
C LYS D 28 14.32 16.18 39.73
N PHE D 29 14.10 17.08 38.79
CA PHE D 29 14.41 16.83 37.38
C PHE D 29 15.90 16.63 37.17
N LEU D 30 16.72 17.44 37.83
CA LEU D 30 18.17 17.34 37.72
C LEU D 30 18.68 16.09 38.39
N ASP D 31 18.09 15.75 39.53
CA ASP D 31 18.49 14.55 40.27
C ASP D 31 18.20 13.33 39.42
N GLU D 32 17.02 13.31 38.79
CA GLU D 32 16.63 12.20 37.94
C GLU D 32 17.55 12.06 36.73
N ALA D 33 17.92 13.18 36.11
CA ALA D 33 18.79 13.16 34.93
C ALA D 33 20.12 12.47 35.20
N GLN D 34 20.60 12.60 36.44
CA GLN D 34 21.85 12.00 36.81
C GLN D 34 21.84 10.50 36.50
N SER D 35 20.76 9.82 36.90
CA SER D 35 20.67 8.39 36.63
C SER D 35 20.14 8.09 35.22
N LYS D 36 19.27 8.96 34.72
CA LYS D 36 18.69 8.79 33.39
C LYS D 36 19.72 8.83 32.27
N LYS D 37 20.74 9.65 32.44
CA LYS D 37 21.81 9.76 31.45
C LYS D 37 22.69 8.52 31.51
N ILE D 38 22.54 7.76 32.58
CA ILE D 38 23.35 6.55 32.75
C ILE D 38 22.62 5.28 32.35
N THR D 39 21.29 5.28 32.45
CA THR D 39 20.52 4.09 32.07
C THR D 39 20.84 3.72 30.63
N LYS D 40 20.49 2.49 30.25
CA LYS D 40 20.73 2.02 28.89
C LYS D 40 19.50 2.25 28.01
N GLU D 41 19.76 2.65 26.76
CA GLU D 41 18.69 2.92 25.81
C GLU D 41 17.51 3.63 26.42
N GLU D 42 17.77 4.46 27.42
CA GLU D 42 16.73 5.22 28.10
C GLU D 42 15.96 6.10 27.10
N PHE D 43 16.71 6.86 26.31
CA PHE D 43 16.11 7.75 25.32
C PHE D 43 15.51 6.95 24.18
N ALA D 44 16.27 5.96 23.71
CA ALA D 44 15.81 5.12 22.63
C ALA D 44 14.45 4.51 22.99
N ASN D 45 14.33 4.08 24.25
CA ASN D 45 13.10 3.48 24.74
C ASN D 45 11.99 4.49 24.90
N GLU D 46 12.32 5.72 25.27
CA GLU D 46 11.30 6.73 25.42
C GLU D 46 10.78 7.11 24.03
N PHE D 47 11.70 7.47 23.13
CA PHE D 47 11.35 7.86 21.77
C PHE D 47 10.56 6.78 21.04
N LEU D 48 10.80 5.52 21.42
CA LEU D 48 10.10 4.39 20.82
C LEU D 48 8.61 4.50 21.12
N LYS D 49 8.33 4.88 22.37
CA LYS D 49 6.95 5.05 22.83
C LYS D 49 6.24 6.07 21.95
N LEU D 50 6.96 7.14 21.59
CA LEU D 50 6.37 8.18 20.76
C LEU D 50 5.91 7.65 19.40
N LYS D 51 6.76 6.90 18.72
CA LYS D 51 6.41 6.35 17.41
C LYS D 51 5.21 5.42 17.48
N ARG D 52 5.12 4.66 18.56
CA ARG D 52 4.00 3.74 18.75
C ARG D 52 2.69 4.50 18.76
N GLN D 53 2.59 5.45 19.68
CA GLN D 53 1.38 6.26 19.81
C GLN D 53 0.95 6.73 18.44
N SER D 54 1.89 7.31 17.70
CA SER D 54 1.63 7.81 16.35
C SER D 54 0.96 6.71 15.55
N THR D 55 1.59 5.55 15.53
CA THR D 55 1.08 4.39 14.79
C THR D 55 -0.33 4.03 15.20
N LYS D 56 -0.57 3.91 16.51
CA LYS D 56 -1.89 3.54 16.99
C LYS D 56 -2.90 4.60 16.60
N TYR D 57 -2.46 5.86 16.54
CA TYR D 57 -3.36 6.94 16.15
C TYR D 57 -3.66 6.81 14.66
N LYS D 58 -2.63 6.50 13.88
CA LYS D 58 -2.78 6.35 12.43
C LYS D 58 -3.52 5.07 12.07
N ALA D 59 -3.52 4.11 12.97
CA ALA D 59 -4.20 2.84 12.72
C ALA D 59 -5.71 2.98 12.96
N ASP D 60 -6.08 3.76 13.97
CA ASP D 60 -7.47 3.96 14.29
C ASP D 60 -8.06 5.19 13.61
N LYS D 61 -7.28 5.81 12.72
CA LYS D 61 -7.74 6.99 12.01
C LYS D 61 -8.11 8.11 12.98
N THR D 62 -7.35 8.24 14.05
CA THR D 62 -7.62 9.27 15.05
C THR D 62 -7.61 10.70 14.49
N TYR D 63 -6.55 11.08 13.77
CA TYR D 63 -6.47 12.42 13.21
C TYR D 63 -6.44 12.38 11.69
N PRO D 64 -7.63 12.38 11.06
CA PRO D 64 -7.78 12.35 9.60
C PRO D 64 -7.00 13.46 8.91
N THR D 65 -6.62 13.23 7.66
CA THR D 65 -5.88 14.20 6.88
C THR D 65 -6.44 14.24 5.46
N THR D 66 -7.77 14.22 5.38
CA THR D 66 -8.46 14.25 4.10
C THR D 66 -8.01 15.37 3.19
N VAL D 67 -8.09 16.61 3.67
CA VAL D 67 -7.71 17.75 2.86
C VAL D 67 -6.33 17.57 2.26
N ALA D 68 -5.33 17.37 3.10
CA ALA D 68 -3.97 17.20 2.64
C ALA D 68 -3.84 16.19 1.51
N GLU D 69 -4.68 15.17 1.54
CA GLU D 69 -4.62 14.12 0.52
C GLU D 69 -5.42 14.35 -0.75
N LYS D 70 -6.20 15.43 -0.81
CA LYS D 70 -6.98 15.72 -2.00
C LYS D 70 -6.08 15.91 -3.22
N PRO D 71 -6.62 15.72 -4.43
CA PRO D 71 -5.87 15.86 -5.68
C PRO D 71 -5.11 17.16 -5.90
N LYS D 72 -5.79 18.30 -5.76
CA LYS D 72 -5.17 19.61 -5.98
C LYS D 72 -4.20 20.04 -4.88
N ASN D 73 -4.00 19.22 -3.86
CA ASN D 73 -3.10 19.57 -2.77
C ASN D 73 -1.83 18.74 -2.73
N ILE D 74 -1.87 17.56 -3.34
CA ILE D 74 -0.70 16.68 -3.37
C ILE D 74 0.53 17.50 -3.73
N LYS D 75 0.42 18.26 -4.82
CA LYS D 75 1.51 19.10 -5.31
C LYS D 75 2.02 20.09 -4.26
N LYS D 76 1.15 20.49 -3.34
CA LYS D 76 1.53 21.47 -2.32
C LYS D 76 2.22 20.86 -1.10
N ASN D 77 2.38 19.54 -1.08
CA ASN D 77 3.07 18.88 0.02
C ASN D 77 4.47 18.50 -0.41
N ARG D 78 5.47 18.94 0.34
CA ARG D 78 6.86 18.64 0.00
C ARG D 78 7.14 17.14 0.14
N TYR D 79 6.67 16.54 1.22
CA TYR D 79 6.88 15.12 1.47
C TYR D 79 5.52 14.40 1.52
N LYS D 80 5.36 13.35 0.72
CA LYS D 80 4.09 12.64 0.68
C LYS D 80 3.72 11.94 1.98
N ASP D 81 4.64 11.92 2.93
CA ASP D 81 4.39 11.28 4.20
C ASP D 81 4.12 12.26 5.33
N ILE D 82 4.47 13.51 5.12
CA ILE D 82 4.23 14.53 6.14
C ILE D 82 2.94 15.26 5.75
N LEU D 83 1.83 14.87 6.38
CA LEU D 83 0.53 15.47 6.09
C LEU D 83 -0.15 15.98 7.35
N PRO D 84 -0.47 17.29 7.39
CA PRO D 84 -1.13 17.99 8.49
C PRO D 84 -2.51 17.46 8.86
N TYR D 85 -2.71 17.11 10.13
CA TYR D 85 -4.01 16.61 10.56
C TYR D 85 -5.07 17.66 10.22
N ASP D 86 -6.24 17.20 9.81
CA ASP D 86 -7.32 18.12 9.45
C ASP D 86 -7.76 19.07 10.57
N TYR D 87 -7.97 18.55 11.77
CA TYR D 87 -8.44 19.37 12.85
C TYR D 87 -7.56 20.54 13.29
N SER D 88 -6.26 20.48 13.02
CA SER D 88 -5.40 21.59 13.43
C SER D 88 -4.70 22.35 12.32
N ARG D 89 -5.05 22.04 11.07
CA ARG D 89 -4.45 22.69 9.89
C ARG D 89 -4.66 24.18 9.84
N VAL D 90 -3.71 24.89 9.26
CA VAL D 90 -3.82 26.34 9.12
C VAL D 90 -4.70 26.62 7.90
N GLU D 91 -5.93 27.05 8.15
CA GLU D 91 -6.87 27.36 7.07
C GLU D 91 -6.67 28.78 6.54
N LEU D 92 -6.36 28.87 5.25
CA LEU D 92 -6.16 30.16 4.60
C LEU D 92 -7.49 30.69 4.08
N SER D 93 -7.80 31.95 4.40
CA SER D 93 -9.05 32.57 3.98
C SER D 93 -8.82 33.82 3.12
N LEU D 94 -7.66 34.44 3.25
CA LEU D 94 -7.33 35.63 2.47
C LEU D 94 -7.35 35.26 1.00
N ILE D 95 -8.21 35.92 0.23
CA ILE D 95 -8.32 35.64 -1.21
C ILE D 95 -7.62 36.71 -2.04
N THR D 96 -6.74 36.25 -2.94
CA THR D 96 -6.00 37.15 -3.81
C THR D 96 -6.24 36.80 -5.26
N SER D 97 -6.28 35.51 -5.57
CA SER D 97 -6.52 35.05 -6.93
C SER D 97 -7.59 33.97 -6.96
N ASP D 98 -8.30 33.91 -8.06
CA ASP D 98 -9.36 32.92 -8.25
C ASP D 98 -8.80 31.50 -8.15
N GLU D 99 -7.48 31.40 -8.04
CA GLU D 99 -6.80 30.11 -7.95
C GLU D 99 -6.33 29.79 -6.54
N ASP D 100 -6.85 30.50 -5.54
CA ASP D 100 -6.45 30.25 -4.16
C ASP D 100 -7.34 29.25 -3.45
N SER D 101 -6.71 28.20 -2.93
CA SER D 101 -7.41 27.19 -2.17
C SER D 101 -7.24 27.61 -0.71
N SER D 102 -7.72 26.79 0.21
CA SER D 102 -7.60 27.12 1.64
C SER D 102 -6.58 26.23 2.32
N TYR D 103 -5.82 25.48 1.52
CA TYR D 103 -4.84 24.55 2.08
C TYR D 103 -3.36 24.92 2.04
N ILE D 104 -2.66 24.51 3.09
CA ILE D 104 -1.22 24.69 3.21
C ILE D 104 -0.73 23.64 4.22
N ASN D 105 0.44 23.09 3.97
CA ASN D 105 0.98 22.07 4.87
C ASN D 105 1.48 22.75 6.15
N ALA D 106 0.58 22.87 7.14
CA ALA D 106 0.91 23.50 8.41
C ALA D 106 -0.18 23.30 9.44
N ASN D 107 0.23 23.19 10.71
CA ASN D 107 -0.71 23.03 11.81
C ASN D 107 -0.42 24.03 12.90
N PHE D 108 -1.44 24.33 13.68
CA PHE D 108 -1.29 25.24 14.80
C PHE D 108 -0.81 24.37 15.97
N ILE D 109 0.07 24.92 16.78
CA ILE D 109 0.60 24.23 17.94
C ILE D 109 0.22 25.05 19.15
N LYS D 110 -0.44 24.43 20.12
CA LYS D 110 -0.84 25.13 21.32
C LYS D 110 0.39 25.52 22.14
N GLY D 111 0.34 26.70 22.75
CA GLY D 111 1.42 27.17 23.58
C GLY D 111 1.13 26.84 25.03
N VAL D 112 1.91 27.36 25.96
CA VAL D 112 1.66 27.07 27.38
C VAL D 112 0.39 27.73 27.92
N TYR D 113 -0.10 28.76 27.23
CA TYR D 113 -1.29 29.49 27.70
C TYR D 113 -2.54 29.35 26.88
N GLY D 114 -2.38 28.90 25.62
CA GLY D 114 -3.55 28.76 24.77
C GLY D 114 -3.18 28.21 23.43
N PRO D 115 -4.12 28.19 22.46
CA PRO D 115 -3.83 27.66 21.14
C PRO D 115 -3.25 28.69 20.18
N LYS D 116 -2.65 28.19 19.11
CA LYS D 116 -2.07 29.03 18.08
C LYS D 116 -0.83 29.79 18.51
N ALA D 117 -0.03 29.18 19.38
CA ALA D 117 1.20 29.82 19.84
C ALA D 117 2.25 29.64 18.75
N TYR D 118 2.10 28.59 17.95
CA TYR D 118 3.05 28.32 16.88
C TYR D 118 2.38 27.80 15.63
N ILE D 119 3.00 28.10 14.49
CA ILE D 119 2.52 27.60 13.22
C ILE D 119 3.69 26.80 12.64
N ALA D 120 3.73 25.50 12.94
CA ALA D 120 4.79 24.63 12.40
C ALA D 120 4.43 24.37 10.94
N THR D 121 5.37 24.61 10.04
CA THR D 121 5.10 24.40 8.62
C THR D 121 6.35 23.95 7.84
N GLN D 122 6.14 23.44 6.63
CA GLN D 122 7.24 22.96 5.79
C GLN D 122 7.91 24.11 5.04
N GLY D 123 9.13 23.88 4.56
CA GLY D 123 9.80 24.90 3.78
C GLY D 123 8.89 25.02 2.57
N PRO D 124 8.47 26.24 2.19
CA PRO D 124 7.57 26.37 1.04
C PRO D 124 8.20 26.00 -0.29
N LEU D 125 7.40 25.44 -1.18
CA LEU D 125 7.84 25.05 -2.51
C LEU D 125 7.56 26.27 -3.39
N SER D 126 8.19 26.31 -4.56
CA SER D 126 7.99 27.44 -5.47
C SER D 126 6.50 27.63 -5.72
N THR D 127 5.77 26.52 -5.84
CA THR D 127 4.33 26.57 -6.09
C THR D 127 3.47 26.95 -4.88
N THR D 128 4.07 27.13 -3.71
CA THR D 128 3.28 27.51 -2.53
C THR D 128 3.79 28.76 -1.83
N LEU D 129 4.70 29.49 -2.47
CA LEU D 129 5.24 30.72 -1.89
C LEU D 129 4.11 31.72 -1.57
N LEU D 130 3.18 31.87 -2.50
CA LEU D 130 2.07 32.77 -2.29
C LEU D 130 1.32 32.31 -1.02
N ASP D 131 0.90 31.05 -0.97
CA ASP D 131 0.17 30.52 0.20
C ASP D 131 0.91 30.88 1.49
N PHE D 132 2.22 30.64 1.53
CA PHE D 132 3.01 30.95 2.71
C PHE D 132 2.77 32.40 3.16
N TRP D 133 2.95 33.35 2.24
CA TRP D 133 2.72 34.75 2.59
C TRP D 133 1.25 35.10 2.86
N ARG D 134 0.35 34.30 2.30
CA ARG D 134 -1.06 34.55 2.55
C ARG D 134 -1.32 34.14 3.99
N MET D 135 -0.55 33.17 4.47
CA MET D 135 -0.69 32.70 5.84
C MET D 135 -0.12 33.72 6.80
N ILE D 136 1.13 34.11 6.56
CA ILE D 136 1.82 35.08 7.40
C ILE D 136 1.00 36.37 7.57
N TRP D 137 0.31 36.73 6.51
CA TRP D 137 -0.49 37.95 6.49
C TRP D 137 -1.80 37.81 7.25
N GLU D 138 -2.61 36.81 6.87
CA GLU D 138 -3.89 36.58 7.51
C GLU D 138 -3.76 36.45 9.02
N TYR D 139 -2.75 35.73 9.47
CA TYR D 139 -2.57 35.53 10.89
C TYR D 139 -1.63 36.53 11.56
N SER D 140 -1.48 37.70 10.95
CA SER D 140 -0.63 38.76 11.51
C SER D 140 0.58 38.19 12.24
N VAL D 141 1.44 37.49 11.52
CA VAL D 141 2.63 36.92 12.11
C VAL D 141 3.73 37.98 12.10
N LEU D 142 4.56 37.97 13.13
CA LEU D 142 5.66 38.93 13.25
C LEU D 142 7.01 38.23 13.12
N ILE D 143 7.10 37.03 13.68
CA ILE D 143 8.34 36.28 13.68
C ILE D 143 8.26 35.02 12.84
N ILE D 144 9.27 34.79 12.01
CA ILE D 144 9.32 33.58 11.21
C ILE D 144 10.68 32.97 11.54
N VAL D 145 10.70 31.68 11.83
CA VAL D 145 11.94 31.00 12.15
C VAL D 145 12.21 29.85 11.20
N MET D 146 13.19 30.05 10.31
CA MET D 146 13.60 29.04 9.35
C MET D 146 14.74 28.25 10.00
N ALA D 147 14.46 26.99 10.34
CA ALA D 147 15.44 26.12 10.97
C ALA D 147 16.08 25.12 10.03
N CYS D 148 16.59 25.62 8.90
CA CYS D 148 17.26 24.78 7.93
C CYS D 148 17.97 25.64 6.90
N MET D 149 18.64 24.98 5.96
CA MET D 149 19.37 25.63 4.89
C MET D 149 18.60 25.30 3.61
N GLU D 150 18.79 26.10 2.57
CA GLU D 150 18.09 25.82 1.30
C GLU D 150 18.65 24.55 0.66
N TYR D 151 19.91 24.26 0.95
CA TYR D 151 20.58 23.07 0.41
C TYR D 151 21.15 22.14 1.48
N GLU D 152 20.59 20.93 1.54
CA GLU D 152 21.04 19.93 2.49
C GLU D 152 20.98 18.57 1.81
N MET D 153 21.97 17.74 2.12
CA MET D 153 22.03 16.41 1.53
C MET D 153 22.20 16.47 0.03
N GLY D 154 22.73 17.59 -0.48
CA GLY D 154 22.97 17.73 -1.90
C GLY D 154 21.85 18.32 -2.75
N LYS D 155 20.66 18.47 -2.19
CA LYS D 155 19.57 19.03 -2.96
C LYS D 155 18.75 20.10 -2.24
N LYS D 156 17.90 20.79 -3.00
CA LYS D 156 17.07 21.86 -2.47
C LYS D 156 16.06 21.34 -1.44
N LYS D 157 15.94 22.07 -0.33
CA LYS D 157 15.05 21.70 0.75
C LYS D 157 14.01 22.77 1.09
N CYS D 158 14.31 24.01 0.70
CA CYS D 158 13.41 25.13 0.93
C CYS D 158 13.49 26.10 -0.23
N GLU D 159 12.35 26.69 -0.57
CA GLU D 159 12.28 27.66 -1.65
C GLU D 159 12.49 29.06 -1.09
N ARG D 160 12.98 29.97 -1.91
CA ARG D 160 13.23 31.35 -1.49
C ARG D 160 11.92 32.12 -1.37
N TYR D 161 11.54 32.49 -0.16
CA TYR D 161 10.31 33.24 0.05
C TYR D 161 10.59 34.61 0.65
N TRP D 162 11.84 34.85 1.01
CA TRP D 162 12.24 36.12 1.60
C TRP D 162 13.16 36.87 0.63
N ALA D 163 13.60 38.05 1.05
CA ALA D 163 14.47 38.88 0.23
C ALA D 163 15.76 39.24 0.97
N GLU D 164 16.78 39.57 0.20
CA GLU D 164 18.09 39.93 0.75
C GLU D 164 18.52 41.35 0.41
N PRO D 165 19.49 41.90 1.18
CA PRO D 165 19.98 43.26 0.95
C PRO D 165 20.29 43.57 -0.51
N GLY D 166 19.96 44.80 -0.92
CA GLY D 166 20.19 45.27 -2.28
C GLY D 166 19.52 44.44 -3.36
N GLU D 167 18.52 43.66 -2.98
CA GLU D 167 17.83 42.79 -3.92
C GLU D 167 16.46 43.30 -4.38
N MET D 168 16.34 44.62 -4.32
CA MET D 168 15.04 45.17 -4.71
C MET D 168 13.91 44.47 -3.96
N GLN D 169 12.88 44.05 -4.66
CA GLN D 169 11.77 43.38 -3.99
C GLN D 169 11.20 42.22 -4.79
N LEU D 170 11.31 40.99 -4.17
CA LEU D 170 10.72 39.79 -4.74
C LEU D 170 9.22 39.99 -4.68
N GLU D 171 8.49 39.32 -5.57
CA GLU D 171 7.05 39.46 -5.59
C GLU D 171 6.33 38.15 -5.75
N PHE D 172 5.49 37.89 -4.75
CA PHE D 172 4.70 36.68 -4.70
C PHE D 172 3.27 37.18 -4.81
N GLY D 173 2.56 36.69 -5.82
CA GLY D 173 1.19 37.13 -6.02
C GLY D 173 1.10 38.62 -5.81
N PRO D 174 0.13 39.10 -5.03
CA PRO D 174 -0.04 40.53 -4.77
C PRO D 174 0.88 40.98 -3.63
N PHE D 175 1.83 40.13 -3.24
CA PHE D 175 2.74 40.45 -2.16
C PHE D 175 4.09 40.95 -2.65
N SER D 176 4.62 41.94 -1.94
CA SER D 176 5.93 42.51 -2.23
C SER D 176 6.79 42.42 -1.00
N VAL D 177 7.97 41.81 -1.14
CA VAL D 177 8.88 41.66 -0.03
C VAL D 177 10.26 42.23 -0.33
N SER D 178 10.85 42.87 0.66
CA SER D 178 12.18 43.47 0.54
C SER D 178 12.87 43.45 1.89
N CYS D 179 14.19 43.39 1.85
CA CYS D 179 14.97 43.35 3.07
C CYS D 179 15.53 44.74 3.37
N GLU D 180 15.15 45.23 4.54
CA GLU D 180 15.57 46.54 5.03
C GLU D 180 16.95 46.41 5.67
N ALA D 181 17.02 45.57 6.69
CA ALA D 181 18.27 45.32 7.41
C ALA D 181 18.50 43.82 7.49
N GLU D 182 19.71 43.43 7.87
CA GLU D 182 20.06 42.02 7.99
C GLU D 182 21.12 41.87 9.07
N LYS D 183 20.68 41.46 10.26
CA LYS D 183 21.58 41.30 11.40
C LYS D 183 22.20 39.91 11.45
N ARG D 184 23.49 39.85 11.17
CA ARG D 184 24.21 38.58 11.20
C ARG D 184 24.87 38.37 12.54
N LYS D 185 24.45 37.31 13.22
CA LYS D 185 25.01 36.95 14.52
C LYS D 185 25.75 35.63 14.28
N SER D 186 26.74 35.34 15.11
CA SER D 186 27.56 34.15 14.97
C SER D 186 26.88 32.89 14.41
N ASP D 187 25.74 32.49 14.95
CA ASP D 187 25.11 31.28 14.45
C ASP D 187 23.82 31.41 13.62
N TYR D 188 23.35 32.63 13.37
CA TYR D 188 22.15 32.82 12.58
C TYR D 188 21.97 34.27 12.16
N ILE D 189 21.07 34.49 11.21
CA ILE D 189 20.82 35.83 10.69
C ILE D 189 19.40 36.33 10.96
N ILE D 190 19.29 37.62 11.27
CA ILE D 190 17.98 38.20 11.52
C ILE D 190 17.66 39.19 10.41
N ARG D 191 16.77 38.79 9.51
CA ARG D 191 16.38 39.67 8.42
C ARG D 191 15.17 40.48 8.81
N THR D 192 15.23 41.78 8.57
CA THR D 192 14.10 42.64 8.85
C THR D 192 13.45 42.81 7.49
N LEU D 193 12.29 42.21 7.31
CA LEU D 193 11.61 42.29 6.02
C LEU D 193 10.44 43.25 6.03
N LYS D 194 10.20 43.87 4.88
CA LYS D 194 9.10 44.80 4.71
C LYS D 194 8.17 44.17 3.67
N VAL D 195 7.01 43.72 4.11
CA VAL D 195 6.06 43.10 3.21
C VAL D 195 4.94 44.08 2.90
N LYS D 196 4.52 44.12 1.63
CA LYS D 196 3.47 45.03 1.21
C LYS D 196 2.35 44.32 0.46
N PHE D 197 1.12 44.63 0.87
CA PHE D 197 -0.08 44.06 0.30
C PHE D 197 -1.17 45.13 0.28
N ASN D 198 -1.91 45.21 -0.82
CA ASN D 198 -2.99 46.17 -0.99
C ASN D 198 -2.87 47.47 -0.18
N SER D 199 -1.75 48.17 -0.37
CA SER D 199 -1.47 49.46 0.28
C SER D 199 -0.93 49.49 1.69
N GLU D 200 -0.90 48.34 2.36
CA GLU D 200 -0.39 48.27 3.73
C GLU D 200 1.02 47.70 3.79
N THR D 201 1.76 48.04 4.83
CA THR D 201 3.12 47.54 5.00
C THR D 201 3.37 47.08 6.43
N ARG D 202 3.95 45.90 6.55
CA ARG D 202 4.26 45.33 7.84
C ARG D 202 5.71 44.91 7.94
N THR D 203 6.24 44.93 9.15
CA THR D 203 7.61 44.54 9.38
C THR D 203 7.67 43.10 9.90
N ILE D 204 8.20 42.19 9.10
CA ILE D 204 8.34 40.79 9.47
C ILE D 204 9.80 40.57 9.85
N TYR D 205 10.02 39.75 10.87
CA TYR D 205 11.38 39.44 11.34
C TYR D 205 11.68 37.96 11.10
N GLN D 206 12.63 37.65 10.22
CA GLN D 206 12.96 36.27 9.95
C GLN D 206 14.28 35.83 10.57
N PHE D 207 14.21 34.76 11.35
CA PHE D 207 15.37 34.19 12.01
C PHE D 207 15.79 32.99 11.19
N HIS D 208 16.90 33.12 10.50
CA HIS D 208 17.40 32.04 9.69
C HIS D 208 18.58 31.35 10.39
N TYR D 209 18.30 30.14 10.89
CA TYR D 209 19.27 29.29 11.59
C TYR D 209 19.76 28.25 10.61
N LYS D 210 21.07 28.26 10.30
CA LYS D 210 21.59 27.28 9.35
C LYS D 210 22.26 26.07 9.97
N ASN D 211 22.92 26.24 11.12
CA ASN D 211 23.58 25.14 11.80
C ASN D 211 22.64 24.40 12.74
N TRP D 212 23.10 23.28 13.29
CA TRP D 212 22.29 22.53 14.24
C TRP D 212 23.18 21.92 15.32
N PRO D 213 22.75 22.03 16.59
CA PRO D 213 23.50 21.50 17.74
C PRO D 213 24.11 20.15 17.47
N ASP D 214 25.32 19.94 17.98
CA ASP D 214 26.01 18.67 17.80
C ASP D 214 25.57 17.72 18.91
N HIS D 215 24.44 17.06 18.67
CA HIS D 215 23.84 16.11 19.59
C HIS D 215 24.57 15.90 20.93
N ASP D 216 25.62 15.09 20.91
CA ASP D 216 26.38 14.78 22.11
C ASP D 216 27.39 15.81 22.61
N VAL D 217 27.54 16.92 21.89
CA VAL D 217 28.45 17.97 22.31
C VAL D 217 27.65 19.09 22.94
N PRO D 218 27.48 19.04 24.26
CA PRO D 218 26.72 20.03 25.05
C PRO D 218 27.00 21.47 24.67
N SER D 219 28.27 21.86 24.73
CA SER D 219 28.66 23.23 24.41
C SER D 219 28.08 23.70 23.08
N SER D 220 27.81 22.78 22.17
CA SER D 220 27.28 23.17 20.86
C SER D 220 25.78 23.39 20.83
N ILE D 221 25.11 23.19 21.97
CA ILE D 221 23.66 23.39 22.01
C ILE D 221 23.29 24.82 22.41
N ASP D 222 24.29 25.60 22.81
CA ASP D 222 24.05 26.99 23.22
C ASP D 222 23.46 27.88 22.13
N PRO D 223 23.93 27.74 20.89
CA PRO D 223 23.37 28.57 19.81
C PRO D 223 21.84 28.48 19.69
N ILE D 224 21.29 27.29 19.89
CA ILE D 224 19.85 27.12 19.77
C ILE D 224 19.11 27.87 20.88
N LEU D 225 19.70 27.92 22.07
CA LEU D 225 19.10 28.63 23.19
C LEU D 225 19.15 30.13 22.91
N GLU D 226 20.27 30.60 22.36
CA GLU D 226 20.39 32.03 22.01
C GLU D 226 19.22 32.37 21.09
N LEU D 227 19.17 31.70 19.94
CA LEU D 227 18.11 31.90 18.96
C LEU D 227 16.74 32.06 19.62
N ILE D 228 16.39 31.09 20.45
CA ILE D 228 15.11 31.10 21.12
C ILE D 228 14.94 32.29 22.05
N TRP D 229 16.06 32.83 22.53
CA TRP D 229 16.02 33.99 23.42
C TRP D 229 15.76 35.25 22.60
N ASP D 230 16.53 35.44 21.52
CA ASP D 230 16.32 36.62 20.68
C ASP D 230 14.91 36.62 20.15
N VAL D 231 14.44 35.45 19.71
CA VAL D 231 13.10 35.37 19.19
C VAL D 231 12.10 35.88 20.21
N ARG D 232 12.37 35.66 21.50
CA ARG D 232 11.48 36.14 22.55
C ARG D 232 11.76 37.57 22.95
N CYS D 233 12.73 38.20 22.30
CA CYS D 233 13.04 39.59 22.58
C CYS D 233 12.22 40.41 21.59
N TYR D 234 11.72 39.73 20.56
CA TYR D 234 10.91 40.39 19.55
C TYR D 234 9.45 40.15 19.85
N GLN D 235 9.17 39.08 20.59
CA GLN D 235 7.79 38.76 20.98
C GLN D 235 7.68 37.94 22.26
N GLU D 236 7.48 38.63 23.38
CA GLU D 236 7.37 38.00 24.69
C GLU D 236 6.08 37.21 24.83
N ASP D 237 4.99 37.79 24.34
CA ASP D 237 3.67 37.18 24.44
C ASP D 237 3.36 36.16 23.37
N ASP D 238 2.07 35.92 23.19
CA ASP D 238 1.56 34.98 22.21
C ASP D 238 0.33 35.56 21.51
N SER D 239 0.27 36.89 21.46
CA SER D 239 -0.87 37.54 20.80
C SER D 239 -1.03 37.00 19.38
N VAL D 240 0.09 36.81 18.68
CA VAL D 240 0.04 36.28 17.33
C VAL D 240 0.91 35.03 17.25
N PRO D 241 0.60 34.13 16.31
CA PRO D 241 1.37 32.89 16.16
C PRO D 241 2.78 33.15 15.71
N ILE D 242 3.69 32.27 16.15
CA ILE D 242 5.07 32.40 15.73
C ILE D 242 5.27 31.29 14.72
N CYS D 243 5.58 31.68 13.49
CA CYS D 243 5.77 30.71 12.43
C CYS D 243 7.15 30.08 12.45
N ILE D 244 7.19 28.77 12.64
CA ILE D 244 8.44 28.03 12.68
C ILE D 244 8.38 26.96 11.60
N HIS D 245 9.42 26.89 10.79
CA HIS D 245 9.45 25.89 9.74
C HIS D 245 10.86 25.37 9.53
N SER D 246 10.93 24.22 8.88
CA SER D 246 12.19 23.57 8.57
C SER D 246 11.98 23.10 7.12
N SER D 247 12.38 21.89 6.79
CA SER D 247 12.14 21.43 5.43
C SER D 247 10.73 20.89 5.45
N ALA D 248 10.50 19.93 6.34
CA ALA D 248 9.18 19.31 6.47
C ALA D 248 8.31 20.00 7.51
N GLY D 249 8.94 20.61 8.51
CA GLY D 249 8.19 21.26 9.56
C GLY D 249 7.87 20.27 10.66
N CYS D 250 8.79 19.32 10.91
CA CYS D 250 8.55 18.33 11.94
C CYS D 250 9.67 18.14 12.96
N GLY D 251 10.85 17.75 12.48
CA GLY D 251 11.99 17.50 13.34
C GLY D 251 12.55 18.74 14.03
N ARG D 252 13.30 19.53 13.26
CA ARG D 252 13.90 20.74 13.78
C ARG D 252 12.81 21.71 14.26
N THR D 253 11.68 21.69 13.58
CA THR D 253 10.58 22.55 13.95
C THR D 253 10.08 22.13 15.32
N GLY D 254 9.96 20.82 15.53
CA GLY D 254 9.48 20.32 16.81
C GLY D 254 10.46 20.62 17.93
N VAL D 255 11.75 20.51 17.62
CA VAL D 255 12.79 20.76 18.59
C VAL D 255 12.68 22.17 19.15
N ILE D 256 12.50 23.13 18.27
CA ILE D 256 12.42 24.51 18.70
C ILE D 256 11.14 24.86 19.43
N CYS D 257 10.02 24.25 19.05
CA CYS D 257 8.75 24.50 19.74
C CYS D 257 8.78 23.94 21.15
N ALA D 258 9.30 22.72 21.31
CA ALA D 258 9.37 22.08 22.62
C ALA D 258 10.28 22.87 23.55
N ILE D 259 11.47 23.23 23.09
CA ILE D 259 12.39 24.00 23.93
C ILE D 259 11.75 25.34 24.32
N ASP D 260 11.14 26.02 23.35
CA ASP D 260 10.51 27.30 23.62
C ASP D 260 9.40 27.15 24.67
N TYR D 261 8.44 26.28 24.37
CA TYR D 261 7.34 26.01 25.27
C TYR D 261 7.94 25.83 26.68
N THR D 262 8.94 24.96 26.81
CA THR D 262 9.56 24.72 28.10
C THR D 262 10.23 25.99 28.66
N TRP D 263 10.97 26.72 27.81
CA TRP D 263 11.65 27.95 28.21
C TRP D 263 10.59 28.91 28.77
N MET D 264 9.39 28.81 28.22
CA MET D 264 8.29 29.66 28.65
C MET D 264 7.83 29.30 30.04
N LEU D 265 7.58 28.02 30.28
CA LEU D 265 7.13 27.56 31.59
C LEU D 265 8.09 28.00 32.70
N LEU D 266 9.40 27.92 32.44
CA LEU D 266 10.42 28.32 33.41
C LEU D 266 10.37 29.82 33.74
N LYS D 267 10.38 30.64 32.69
CA LYS D 267 10.36 32.09 32.85
C LYS D 267 9.25 32.57 33.77
N ASP D 268 8.05 32.08 33.55
CA ASP D 268 6.92 32.49 34.36
C ASP D 268 6.74 31.64 35.60
N GLY D 269 7.65 30.69 35.79
CA GLY D 269 7.59 29.83 36.95
C GLY D 269 6.33 28.96 37.06
N ILE D 270 6.04 28.20 35.99
CA ILE D 270 4.88 27.33 35.98
C ILE D 270 5.18 25.92 35.46
N ILE D 271 6.35 25.40 35.83
CA ILE D 271 6.79 24.06 35.46
C ILE D 271 6.05 23.06 36.36
N PRO D 272 5.13 22.27 35.78
CA PRO D 272 4.34 21.28 36.52
C PRO D 272 5.23 20.31 37.28
N GLU D 273 4.73 19.77 38.39
CA GLU D 273 5.54 18.85 39.18
C GLU D 273 5.81 17.58 38.35
N ASN D 274 4.83 17.16 37.58
CA ASN D 274 4.98 15.96 36.78
C ASN D 274 5.46 16.26 35.35
N PHE D 275 6.24 17.32 35.21
CA PHE D 275 6.77 17.71 33.90
C PHE D 275 7.75 16.69 33.35
N SER D 276 7.64 16.45 32.05
CA SER D 276 8.53 15.51 31.37
C SER D 276 8.59 15.92 29.92
N VAL D 277 9.80 15.93 29.37
CA VAL D 277 9.97 16.28 27.98
C VAL D 277 9.16 15.29 27.13
N PHE D 278 9.07 14.04 27.58
CA PHE D 278 8.31 13.01 26.87
C PHE D 278 6.83 13.39 26.70
N SER D 279 6.22 13.84 27.80
CA SER D 279 4.81 14.21 27.76
C SER D 279 4.60 15.44 26.89
N LEU D 280 5.51 16.40 27.01
CA LEU D 280 5.43 17.61 26.24
C LEU D 280 5.45 17.30 24.74
N ILE D 281 6.33 16.39 24.34
CA ILE D 281 6.41 16.04 22.93
C ILE D 281 5.18 15.20 22.56
N ARG D 282 4.76 14.34 23.48
CA ARG D 282 3.61 13.50 23.24
C ARG D 282 2.46 14.42 22.85
N GLU D 283 2.23 15.46 23.65
CA GLU D 283 1.14 16.41 23.43
C GLU D 283 1.23 17.18 22.11
N MET D 284 2.42 17.59 21.71
CA MET D 284 2.56 18.33 20.46
C MET D 284 2.33 17.44 19.25
N ARG D 285 2.72 16.17 19.35
CA ARG D 285 2.55 15.23 18.25
C ARG D 285 1.11 14.95 17.92
N THR D 286 0.20 15.39 18.77
CA THR D 286 -1.22 15.17 18.56
C THR D 286 -1.77 16.33 17.74
N GLN D 287 -0.95 17.35 17.54
CA GLN D 287 -1.37 18.53 16.81
C GLN D 287 -0.66 18.68 15.47
N ARG D 288 0.54 18.11 15.37
CA ARG D 288 1.35 18.14 14.15
C ARG D 288 2.12 16.83 14.12
N PRO D 289 1.94 16.03 13.06
CA PRO D 289 2.62 14.73 12.88
C PRO D 289 4.13 14.76 12.79
N SER D 290 4.77 13.82 13.49
CA SER D 290 6.23 13.68 13.50
C SER D 290 7.02 14.79 14.19
N LEU D 291 6.36 15.58 15.04
CA LEU D 291 7.06 16.64 15.75
C LEU D 291 8.16 15.98 16.57
N VAL D 292 9.40 16.35 16.27
CA VAL D 292 10.59 15.77 16.91
C VAL D 292 10.69 14.43 16.21
N GLN D 293 11.34 14.49 15.05
CA GLN D 293 11.55 13.37 14.15
C GLN D 293 12.38 12.19 14.61
N THR D 294 13.56 12.47 15.12
CA THR D 294 14.48 11.42 15.52
C THR D 294 14.82 11.37 16.98
N GLN D 295 15.58 10.33 17.34
CA GLN D 295 16.03 10.11 18.71
C GLN D 295 17.03 11.19 19.07
N GLU D 296 17.91 11.52 18.13
CA GLU D 296 18.90 12.58 18.33
C GLU D 296 18.18 13.86 18.69
N GLN D 297 17.12 14.17 17.95
CA GLN D 297 16.36 15.39 18.22
C GLN D 297 15.68 15.27 19.57
N TYR D 298 15.18 14.07 19.88
CA TYR D 298 14.52 13.85 21.15
C TYR D 298 15.47 14.14 22.33
N GLU D 299 16.70 13.69 22.20
CA GLU D 299 17.71 13.90 23.24
C GLU D 299 18.13 15.35 23.32
N LEU D 300 18.11 16.04 22.18
CA LEU D 300 18.48 17.45 22.13
C LEU D 300 17.50 18.27 22.95
N VAL D 301 16.21 18.02 22.77
CA VAL D 301 15.21 18.75 23.54
C VAL D 301 15.53 18.60 25.02
N TYR D 302 15.75 17.37 25.44
CA TYR D 302 16.06 17.05 26.82
C TYR D 302 17.31 17.73 27.38
N ASN D 303 18.46 17.56 26.71
CA ASN D 303 19.69 18.17 27.18
C ASN D 303 19.58 19.70 27.17
N ALA D 304 18.91 20.24 26.16
CA ALA D 304 18.73 21.68 26.07
C ALA D 304 17.83 22.13 27.22
N VAL D 305 16.85 21.30 27.56
CA VAL D 305 15.97 21.63 28.66
C VAL D 305 16.74 21.46 29.96
N LEU D 306 17.58 20.44 30.03
CA LEU D 306 18.37 20.22 31.23
C LEU D 306 19.29 21.41 31.45
N GLU D 307 19.86 21.92 30.36
CA GLU D 307 20.76 23.06 30.42
C GLU D 307 20.01 24.31 30.91
N LEU D 308 18.76 24.47 30.50
CA LEU D 308 18.00 25.64 30.95
C LEU D 308 17.74 25.58 32.45
N PHE D 309 17.32 24.42 32.93
CA PHE D 309 17.04 24.21 34.35
C PHE D 309 18.27 24.43 35.20
N LYS D 310 19.41 23.97 34.71
CA LYS D 310 20.65 24.14 35.44
C LYS D 310 20.97 25.63 35.56
N ARG D 311 20.61 26.39 34.53
CA ARG D 311 20.86 27.83 34.54
C ARG D 311 19.87 28.56 35.42
N GLN D 312 18.82 27.87 35.84
CA GLN D 312 17.81 28.47 36.69
C GLN D 312 18.28 28.35 38.14
N MET D 313 18.99 27.27 38.44
CA MET D 313 19.51 27.01 39.78
C MET D 313 20.34 28.18 40.28
N TYR E 1 -24.95 -28.63 -6.79
CA TYR E 1 -24.20 -27.36 -6.57
C TYR E 1 -24.19 -26.54 -7.87
N GLY E 2 -23.83 -27.18 -8.97
CA GLY E 2 -23.79 -26.47 -10.25
C GLY E 2 -24.64 -25.22 -10.29
N GLU E 3 -23.99 -24.06 -10.21
CA GLU E 3 -24.68 -22.78 -10.27
C GLU E 3 -23.79 -21.64 -10.78
N GLU E 4 -23.78 -21.47 -12.10
CA GLU E 4 -23.00 -20.43 -12.78
C GLU E 4 -21.94 -19.67 -11.97
N ASP E 6 -20.13 -17.53 -13.35
CA ASP E 6 -20.27 -16.19 -13.93
C ASP E 6 -21.47 -15.45 -13.35
N ASP E 7 -22.64 -16.10 -13.39
CA ASP E 7 -23.86 -15.49 -12.86
C ASP E 7 -23.49 -14.98 -11.49
N LEU E 8 -23.00 -13.73 -11.42
CA LEU E 8 -22.54 -13.19 -10.15
C LEU E 8 -21.78 -14.44 -9.70
N TYR E 9 -21.94 -14.87 -8.46
CA TYR E 9 -21.24 -16.09 -8.07
C TYR E 9 -22.09 -16.90 -7.11
N TYR F 1 7.01 18.82 -48.26
CA TYR F 1 5.58 18.46 -48.49
C TYR F 1 4.77 18.80 -47.25
N GLY F 2 5.27 18.38 -46.09
CA GLY F 2 4.58 18.64 -44.84
C GLY F 2 3.69 19.86 -44.89
N GLU F 3 2.39 19.64 -45.09
CA GLU F 3 1.41 20.73 -45.17
C GLU F 3 0.00 20.34 -44.71
N GLU F 4 -0.23 20.42 -43.40
CA GLU F 4 -1.53 20.13 -42.79
C GLU F 4 -2.55 19.33 -43.62
N ASP F 6 -5.25 18.47 -42.52
CA ASP F 6 -6.50 19.11 -42.10
C ASP F 6 -6.69 20.51 -42.71
N ASP F 7 -5.67 21.34 -42.63
CA ASP F 7 -5.78 22.68 -43.17
C ASP F 7 -6.27 22.59 -44.62
N LEU F 8 -7.43 23.17 -44.87
CA LEU F 8 -8.07 23.19 -46.18
C LEU F 8 -8.54 21.79 -46.63
N TYR G 1 9.32 -6.05 61.20
CA TYR G 1 9.04 -6.99 60.07
C TYR G 1 10.26 -7.08 59.14
N GLY G 2 10.82 -5.93 58.79
CA GLY G 2 11.98 -5.88 57.91
C GLY G 2 12.86 -7.12 57.94
N GLU G 3 12.70 -7.98 56.94
CA GLU G 3 13.47 -9.21 56.86
C GLU G 3 13.62 -9.72 55.42
N GLU G 4 14.73 -9.34 54.78
CA GLU G 4 15.05 -9.73 53.40
C GLU G 4 13.97 -10.49 52.61
N ASP G 6 14.56 -11.36 49.78
CA ASP G 6 15.41 -12.29 49.04
C ASP G 6 16.08 -13.36 49.91
N ASP G 7 16.88 -12.93 50.88
CA ASP G 7 17.56 -13.86 51.78
C ASP G 7 16.36 -14.65 52.34
N LEU G 8 16.16 -15.86 51.82
CA LEU G 8 15.00 -16.67 52.22
C LEU G 8 13.83 -15.70 52.05
N TYR G 9 12.70 -15.98 52.69
CA TYR G 9 11.56 -15.09 52.51
C TYR G 9 10.94 -14.54 53.80
N TYR H 1 8.29 16.10 -6.12
CA TYR H 1 9.27 16.17 -5.00
C TYR H 1 8.92 15.16 -3.91
N GLY H 2 7.63 15.12 -3.54
CA GLY H 2 7.18 14.19 -2.51
C GLY H 2 8.01 12.93 -2.45
N GLU H 3 8.83 12.82 -1.40
CA GLU H 3 9.71 11.68 -1.19
C GLU H 3 10.08 11.49 0.29
N GLU H 4 9.21 10.78 1.01
CA GLU H 4 9.38 10.46 2.44
C GLU H 4 10.41 11.26 3.23
N ASP H 6 10.83 10.78 6.10
CA ASP H 6 11.38 9.73 6.92
C ASP H 6 12.09 8.60 6.19
N ASP H 7 11.57 8.13 5.06
CA ASP H 7 12.23 7.05 4.34
C ASP H 7 13.59 7.61 3.93
N LEU H 8 14.28 8.00 4.98
CA LEU H 8 15.60 8.56 5.04
C LEU H 8 16.08 9.76 4.23
N TYR H 9 15.29 10.83 4.27
CA TYR H 9 15.67 12.09 3.67
C TYR H 9 16.22 12.11 2.25
#